data_7ER0
#
_entry.id   7ER0
#
_cell.length_a   58.275
_cell.length_b   60.001
_cell.length_c   92.368
_cell.angle_alpha   101.890
_cell.angle_beta   97.730
_cell.angle_gamma   110.100
#
_symmetry.space_group_name_H-M   'P 1'
#
loop_
_entity.id
_entity.type
_entity.pdbx_description
1 polymer 'capsid P domain'
2 water water
#
_entity_poly.entity_id   1
_entity_poly.type   'polypeptide(L)'
_entity_poly.pdbx_seq_one_letter_code
;GPLGSPEFQKTKPFSVPNLPLNTLSNSRVPSLIRSMMVSRDHGQMVQFQNGRVTLDGQLQGTTPTSASQLCKIRGSVFHA
NGGNGYNLTELDGSPYHAFESPAPIGFPDLGECDWHMEASPTTQFDTGDVIKQINVKQEAAFAPHLGTIQADGLSDVSVN
TNMIAKLGWVSPASDGHRGNVDPWVIPRYGSTLTEAAQLAPPIYPPGFGEAIVFFMSDFPIAHGANGLSVPCTIPQEFVT
HFVNEQAPTRGEAALLHYLDPDTHRNLGEFKLYPEGFMTCVPNSSGTGPQTLPINGVFVFVSWVSRFYQLKPVGTAGPAR
SLGIRRS
;
_entity_poly.pdbx_strand_id   A,B,C,D
#
# COMPACT_ATOMS: atom_id res chain seq x y z
N PRO A 13 -12.13 -22.60 3.99
CA PRO A 13 -12.75 -21.33 4.45
C PRO A 13 -12.89 -20.34 3.28
N PHE A 14 -13.95 -19.54 3.28
CA PHE A 14 -14.23 -18.55 2.21
C PHE A 14 -13.23 -17.41 2.34
N SER A 15 -12.78 -16.88 1.21
CA SER A 15 -11.90 -15.69 1.13
C SER A 15 -12.15 -14.97 -0.19
N VAL A 16 -11.74 -13.70 -0.24
CA VAL A 16 -11.66 -12.88 -1.49
C VAL A 16 -10.18 -12.58 -1.72
N PRO A 17 -9.76 -12.27 -2.95
CA PRO A 17 -8.37 -11.91 -3.22
C PRO A 17 -7.86 -10.78 -2.32
N ASN A 18 -6.66 -10.97 -1.77
CA ASN A 18 -5.93 -9.93 -0.99
C ASN A 18 -5.10 -9.09 -1.97
N LEU A 19 -5.77 -8.46 -2.94
CA LEU A 19 -5.13 -7.74 -4.07
C LEU A 19 -5.82 -6.38 -4.20
N PRO A 20 -5.05 -5.28 -4.39
CA PRO A 20 -5.64 -3.95 -4.55
C PRO A 20 -6.49 -3.89 -5.84
N LEU A 21 -7.69 -3.32 -5.71
CA LEU A 21 -8.72 -3.22 -6.79
C LEU A 21 -8.11 -2.70 -8.09
N ASN A 22 -7.25 -1.69 -8.00
CA ASN A 22 -6.70 -0.93 -9.17
C ASN A 22 -5.73 -1.80 -9.98
N THR A 23 -5.35 -2.99 -9.48
CA THR A 23 -4.51 -3.97 -10.23
C THR A 23 -5.40 -5.05 -10.88
N LEU A 24 -6.71 -5.04 -10.61
CA LEU A 24 -7.64 -6.10 -11.06
C LEU A 24 -8.41 -5.66 -12.31
N SER A 25 -8.98 -6.62 -13.02
CA SER A 25 -9.71 -6.42 -14.31
C SER A 25 -11.21 -6.38 -14.05
N ASN A 26 -11.90 -5.55 -14.85
CA ASN A 26 -13.35 -5.68 -15.12
C ASN A 26 -13.63 -7.13 -15.55
N SER A 27 -14.82 -7.65 -15.28
CA SER A 27 -15.21 -9.02 -15.65
C SER A 27 -16.09 -9.01 -16.91
N ARG A 28 -16.34 -7.84 -17.50
CA ARG A 28 -17.14 -7.72 -18.76
C ARG A 28 -16.27 -7.24 -19.93
N VAL A 29 -15.26 -6.40 -19.66
CA VAL A 29 -14.24 -5.97 -20.66
C VAL A 29 -12.87 -6.19 -20.03
N PRO A 30 -11.85 -6.56 -20.83
CA PRO A 30 -10.49 -6.72 -20.32
C PRO A 30 -9.80 -5.36 -20.12
N SER A 31 -10.19 -4.63 -19.07
CA SER A 31 -9.61 -3.33 -18.65
C SER A 31 -9.50 -3.28 -17.13
N LEU A 32 -8.48 -2.58 -16.62
CA LEU A 32 -8.26 -2.39 -15.16
C LEU A 32 -9.47 -1.69 -14.54
N ILE A 33 -9.77 -2.00 -13.28
CA ILE A 33 -10.81 -1.29 -12.47
C ILE A 33 -10.32 0.14 -12.19
N ARG A 34 -11.14 1.14 -12.51
CA ARG A 34 -10.82 2.58 -12.36
C ARG A 34 -11.52 3.14 -11.11
N SER A 35 -12.74 2.67 -10.83
CA SER A 35 -13.56 3.19 -9.70
C SER A 35 -14.62 2.16 -9.29
N MET A 36 -15.26 2.43 -8.15
CA MET A 36 -16.53 1.79 -7.71
C MET A 36 -17.64 2.84 -7.77
N MET A 37 -18.88 2.41 -7.95
CA MET A 37 -20.05 3.32 -7.88
C MET A 37 -21.27 2.50 -7.48
N VAL A 38 -22.31 3.17 -7.01
CA VAL A 38 -23.72 2.69 -6.98
C VAL A 38 -24.46 3.48 -8.06
N SER A 39 -25.56 2.94 -8.58
CA SER A 39 -26.37 3.59 -9.64
C SER A 39 -27.84 3.68 -9.22
N ARG A 40 -28.41 4.87 -9.29
CA ARG A 40 -29.87 5.06 -9.01
C ARG A 40 -30.64 4.73 -10.28
N ASP A 41 -30.13 5.17 -11.43
CA ASP A 41 -30.81 5.00 -12.74
C ASP A 41 -30.70 3.56 -13.28
N HIS A 42 -29.67 2.81 -12.87
CA HIS A 42 -29.41 1.46 -13.47
C HIS A 42 -29.33 0.36 -12.40
N GLY A 43 -29.29 0.70 -11.12
CA GLY A 43 -28.99 -0.27 -10.04
C GLY A 43 -30.21 -1.04 -9.55
N GLN A 44 -31.40 -0.83 -10.13
CA GLN A 44 -32.66 -1.52 -9.75
C GLN A 44 -32.63 -2.96 -10.24
N MET A 45 -31.99 -3.23 -11.39
CA MET A 45 -31.82 -4.59 -11.96
C MET A 45 -30.70 -4.57 -13.00
N VAL A 46 -29.80 -5.54 -12.93
CA VAL A 46 -28.83 -5.87 -14.02
C VAL A 46 -28.89 -7.37 -14.28
N GLN A 47 -28.56 -7.79 -15.51
CA GLN A 47 -28.50 -9.22 -15.89
C GLN A 47 -27.27 -9.44 -16.79
N PHE A 48 -26.13 -8.87 -16.41
CA PHE A 48 -24.84 -9.11 -17.10
C PHE A 48 -24.63 -10.62 -17.21
N GLN A 49 -24.06 -11.07 -18.33
CA GLN A 49 -23.82 -12.51 -18.61
C GLN A 49 -22.34 -12.86 -18.36
N ASN A 50 -21.46 -11.87 -18.36
CA ASN A 50 -20.03 -12.00 -17.96
C ASN A 50 -19.86 -11.44 -16.54
N GLY A 51 -18.85 -11.93 -15.81
CA GLY A 51 -18.62 -11.63 -14.38
C GLY A 51 -19.66 -12.29 -13.50
N ARG A 52 -20.21 -13.43 -13.93
CA ARG A 52 -21.31 -14.13 -13.23
C ARG A 52 -20.75 -15.43 -12.63
N VAL A 53 -20.79 -15.53 -11.31
CA VAL A 53 -20.16 -16.63 -10.53
C VAL A 53 -20.83 -16.70 -9.17
N THR A 54 -20.96 -17.89 -8.59
CA THR A 54 -21.37 -18.10 -7.18
C THR A 54 -20.13 -17.99 -6.30
N LEU A 55 -20.31 -17.75 -4.99
CA LEU A 55 -19.19 -17.66 -4.03
C LEU A 55 -18.53 -19.03 -3.84
N ASP A 56 -19.22 -20.11 -4.20
CA ASP A 56 -18.64 -21.49 -4.13
C ASP A 56 -18.06 -21.90 -5.49
N GLY A 57 -18.05 -20.99 -6.47
CA GLY A 57 -17.19 -21.08 -7.68
C GLY A 57 -17.86 -21.75 -8.86
N GLN A 58 -19.17 -21.56 -9.04
CA GLN A 58 -19.91 -22.05 -10.24
C GLN A 58 -20.01 -20.88 -11.23
N LEU A 59 -19.36 -20.99 -12.38
CA LEU A 59 -19.42 -20.01 -13.49
C LEU A 59 -20.84 -20.01 -14.07
N GLN A 60 -21.37 -18.83 -14.40
CA GLN A 60 -22.73 -18.66 -14.96
C GLN A 60 -22.64 -17.82 -16.23
N GLY A 61 -23.71 -17.79 -17.01
CA GLY A 61 -23.80 -17.04 -18.28
C GLY A 61 -22.68 -17.46 -19.22
N THR A 62 -21.90 -16.50 -19.72
CA THR A 62 -20.80 -16.73 -20.69
C THR A 62 -19.46 -16.50 -19.99
N THR A 63 -19.46 -16.44 -18.66
CA THR A 63 -18.31 -16.02 -17.82
C THR A 63 -17.15 -17.00 -17.99
N PRO A 64 -15.95 -16.53 -18.40
CA PRO A 64 -14.76 -17.38 -18.43
C PRO A 64 -13.99 -17.37 -17.10
N THR A 65 -13.06 -18.31 -16.95
CA THR A 65 -12.03 -18.34 -15.88
C THR A 65 -11.07 -17.17 -16.06
N SER A 66 -10.63 -16.91 -17.29
CA SER A 66 -9.52 -15.98 -17.63
C SER A 66 -10.05 -14.72 -18.30
N ALA A 67 -9.50 -13.57 -17.93
CA ALA A 67 -9.73 -12.25 -18.57
C ALA A 67 -9.35 -12.33 -20.06
N SER A 68 -8.41 -13.21 -20.41
CA SER A 68 -7.91 -13.39 -21.81
C SER A 68 -9.00 -14.00 -22.71
N GLN A 69 -10.08 -14.54 -22.16
CA GLN A 69 -11.20 -15.11 -22.95
C GLN A 69 -12.27 -14.03 -23.19
N LEU A 70 -12.22 -12.89 -22.48
CA LEU A 70 -13.31 -11.87 -22.49
C LEU A 70 -13.34 -11.12 -23.81
N CYS A 71 -14.55 -10.93 -24.36
CA CYS A 71 -14.86 -10.09 -25.54
C CYS A 71 -14.13 -10.63 -26.78
N LYS A 72 -14.06 -11.96 -26.89
CA LYS A 72 -13.50 -12.66 -28.08
C LYS A 72 -14.57 -13.59 -28.66
N ILE A 73 -14.54 -13.74 -29.98
CA ILE A 73 -15.44 -14.64 -30.74
C ILE A 73 -14.54 -15.48 -31.65
N ARG A 74 -14.87 -16.76 -31.78
CA ARG A 74 -14.17 -17.68 -32.71
C ARG A 74 -15.25 -18.38 -33.55
N GLY A 75 -14.96 -18.57 -34.83
CA GLY A 75 -15.88 -19.29 -35.73
C GLY A 75 -15.30 -19.41 -37.13
N SER A 76 -16.11 -20.02 -37.99
CA SER A 76 -15.77 -20.30 -39.41
C SER A 76 -16.64 -19.42 -40.28
N VAL A 77 -16.03 -18.79 -41.28
CA VAL A 77 -16.72 -17.84 -42.19
C VAL A 77 -17.75 -18.63 -43.02
N PHE A 78 -18.96 -18.09 -43.12
CA PHE A 78 -20.00 -18.51 -44.10
C PHE A 78 -20.33 -17.30 -44.98
N HIS A 79 -20.73 -17.57 -46.22
CA HIS A 79 -21.41 -16.63 -47.15
C HIS A 79 -22.75 -17.26 -47.52
N ALA A 80 -23.86 -16.69 -47.07
CA ALA A 80 -25.23 -17.21 -47.33
C ALA A 80 -26.13 -16.01 -47.58
N ASN A 81 -27.02 -16.12 -48.59
CA ASN A 81 -28.16 -15.18 -48.79
C ASN A 81 -27.66 -13.73 -48.77
N GLY A 82 -26.48 -13.47 -49.35
CA GLY A 82 -25.91 -12.11 -49.51
C GLY A 82 -25.38 -11.54 -48.20
N GLY A 83 -25.29 -12.34 -47.15
CA GLY A 83 -24.74 -11.98 -45.84
C GLY A 83 -23.58 -12.88 -45.49
N ASN A 84 -22.59 -12.33 -44.78
CA ASN A 84 -21.38 -13.04 -44.33
C ASN A 84 -21.38 -13.05 -42.80
N GLY A 85 -20.75 -14.05 -42.20
CA GLY A 85 -20.66 -14.17 -40.73
C GLY A 85 -19.85 -15.36 -40.29
N TYR A 86 -20.05 -15.76 -39.03
CA TYR A 86 -19.32 -16.86 -38.36
C TYR A 86 -20.33 -17.90 -37.88
N ASN A 87 -20.05 -19.17 -38.18
CA ASN A 87 -20.56 -20.34 -37.43
C ASN A 87 -19.66 -20.47 -36.19
N LEU A 88 -20.24 -20.18 -35.02
CA LEU A 88 -19.47 -19.95 -33.77
C LEU A 88 -18.97 -21.29 -33.22
N THR A 89 -17.77 -21.27 -32.64
CA THR A 89 -17.25 -22.31 -31.73
C THR A 89 -16.85 -21.65 -30.41
N GLU A 90 -16.39 -22.43 -29.45
CA GLU A 90 -15.69 -21.91 -28.25
C GLU A 90 -14.34 -21.37 -28.72
N LEU A 91 -13.71 -20.53 -27.90
CA LEU A 91 -12.43 -19.85 -28.22
C LEU A 91 -11.31 -20.87 -28.43
N ASP A 92 -11.39 -22.05 -27.80
CA ASP A 92 -10.36 -23.13 -27.93
C ASP A 92 -10.64 -23.99 -29.18
N GLY A 93 -11.66 -23.67 -29.97
CA GLY A 93 -11.98 -24.37 -31.23
C GLY A 93 -13.00 -25.48 -31.04
N SER A 94 -13.26 -25.91 -29.80
CA SER A 94 -14.24 -26.98 -29.47
C SER A 94 -15.67 -26.49 -29.73
N PRO A 95 -16.65 -27.39 -29.97
CA PRO A 95 -18.00 -26.97 -30.39
C PRO A 95 -18.75 -26.15 -29.33
N TYR A 96 -19.58 -25.20 -29.78
CA TYR A 96 -20.48 -24.41 -28.91
C TYR A 96 -21.74 -25.21 -28.65
N HIS A 97 -22.05 -25.50 -27.37
CA HIS A 97 -23.26 -26.24 -26.93
C HIS A 97 -24.32 -25.26 -26.40
N ALA A 98 -25.43 -25.13 -27.14
CA ALA A 98 -26.50 -24.12 -26.96
C ALA A 98 -27.24 -24.31 -25.63
N PHE A 99 -27.28 -25.54 -25.09
CA PHE A 99 -28.02 -25.80 -23.81
C PHE A 99 -27.19 -25.31 -22.62
N GLU A 100 -25.87 -25.11 -22.81
CA GLU A 100 -24.88 -24.85 -21.72
C GLU A 100 -24.81 -23.37 -21.39
N SER A 101 -24.90 -22.50 -22.40
CA SER A 101 -24.82 -21.02 -22.24
C SER A 101 -25.56 -20.32 -23.37
N PRO A 102 -25.93 -19.02 -23.21
CA PRO A 102 -26.60 -18.27 -24.28
C PRO A 102 -25.70 -17.83 -25.44
N ALA A 103 -24.39 -18.03 -25.31
CA ALA A 103 -23.37 -17.82 -26.36
C ALA A 103 -22.10 -18.54 -25.95
N PRO A 104 -21.09 -18.67 -26.83
CA PRO A 104 -19.80 -19.25 -26.43
C PRO A 104 -19.23 -18.49 -25.22
N ILE A 105 -18.38 -19.15 -24.44
CA ILE A 105 -17.71 -18.54 -23.26
C ILE A 105 -16.89 -17.32 -23.73
N GLY A 106 -17.01 -16.19 -23.00
CA GLY A 106 -16.25 -14.96 -23.26
C GLY A 106 -16.91 -14.06 -24.29
N PHE A 107 -18.00 -14.51 -24.91
CA PHE A 107 -18.79 -13.72 -25.90
C PHE A 107 -19.15 -12.39 -25.24
N PRO A 108 -18.96 -11.24 -25.93
CA PRO A 108 -19.25 -9.94 -25.34
C PRO A 108 -20.73 -9.86 -24.91
N ASP A 109 -21.01 -9.18 -23.79
CA ASP A 109 -22.39 -8.94 -23.31
C ASP A 109 -22.69 -7.44 -23.34
N LEU A 110 -22.06 -6.67 -24.23
CA LEU A 110 -22.41 -5.24 -24.47
C LEU A 110 -23.54 -5.19 -25.50
N GLY A 111 -24.78 -5.09 -25.02
CA GLY A 111 -25.99 -5.13 -25.87
C GLY A 111 -26.17 -3.87 -26.70
N GLU A 112 -26.89 -4.02 -27.82
CA GLU A 112 -27.48 -2.91 -28.63
C GLU A 112 -26.41 -1.86 -28.99
N CYS A 113 -25.32 -2.31 -29.60
CA CYS A 113 -24.25 -1.46 -30.16
C CYS A 113 -23.51 -2.26 -31.24
N ASP A 114 -22.74 -1.56 -32.07
CA ASP A 114 -21.85 -2.19 -33.09
C ASP A 114 -20.57 -2.61 -32.39
N TRP A 115 -20.11 -3.83 -32.67
CA TRP A 115 -18.83 -4.40 -32.18
C TRP A 115 -17.78 -4.33 -33.29
N HIS A 116 -16.86 -3.38 -33.19
CA HIS A 116 -15.69 -3.23 -34.10
C HIS A 116 -14.59 -4.15 -33.58
N MET A 117 -14.28 -5.20 -34.34
CA MET A 117 -13.40 -6.31 -33.90
C MET A 117 -12.30 -6.51 -34.95
N GLU A 118 -11.13 -6.96 -34.49
CA GLU A 118 -10.03 -7.43 -35.39
C GLU A 118 -10.08 -8.96 -35.43
N ALA A 119 -10.28 -9.52 -36.63
CA ALA A 119 -10.36 -10.97 -36.91
C ALA A 119 -9.06 -11.40 -37.60
N SER A 120 -8.43 -12.47 -37.09
CA SER A 120 -7.20 -13.04 -37.65
C SER A 120 -7.37 -14.55 -37.80
N PRO A 121 -6.69 -15.17 -38.80
CA PRO A 121 -6.76 -16.62 -38.97
C PRO A 121 -6.21 -17.36 -37.74
N THR A 122 -6.74 -18.55 -37.46
CA THR A 122 -6.28 -19.43 -36.34
C THR A 122 -5.17 -20.36 -36.82
N THR A 123 -4.74 -20.21 -38.08
CA THR A 123 -3.55 -20.86 -38.68
C THR A 123 -2.49 -19.79 -38.98
N GLN A 124 -1.21 -20.15 -38.86
CA GLN A 124 -0.03 -19.30 -39.19
C GLN A 124 -0.26 -18.60 -40.53
N PHE A 125 0.12 -17.33 -40.62
CA PHE A 125 0.00 -16.51 -41.86
C PHE A 125 1.29 -15.72 -42.10
N ASP A 126 1.44 -15.17 -43.30
CA ASP A 126 2.69 -14.54 -43.82
C ASP A 126 2.54 -13.01 -43.84
N THR A 127 1.33 -12.49 -44.04
CA THR A 127 1.08 -11.04 -44.28
C THR A 127 -0.13 -10.57 -43.48
N GLY A 128 -0.28 -9.26 -43.24
CA GLY A 128 -1.44 -8.70 -42.52
C GLY A 128 -2.71 -8.59 -43.37
N ASP A 129 -2.66 -8.99 -44.63
CA ASP A 129 -3.84 -8.98 -45.55
C ASP A 129 -4.92 -9.95 -45.09
N VAL A 130 -4.56 -11.00 -44.35
CA VAL A 130 -5.53 -12.01 -43.84
C VAL A 130 -6.17 -11.50 -42.54
N ILE A 131 -5.69 -10.36 -42.03
CA ILE A 131 -6.30 -9.74 -40.83
C ILE A 131 -7.38 -8.77 -41.30
N LYS A 132 -8.59 -8.91 -40.76
CA LYS A 132 -9.80 -8.16 -41.20
C LYS A 132 -10.36 -7.34 -40.03
N GLN A 133 -10.68 -6.07 -40.31
CA GLN A 133 -11.46 -5.20 -39.40
C GLN A 133 -12.94 -5.48 -39.69
N ILE A 134 -13.65 -6.10 -38.74
CA ILE A 134 -15.05 -6.55 -38.94
C ILE A 134 -15.95 -5.70 -38.03
N ASN A 135 -17.22 -5.60 -38.41
CA ASN A 135 -18.28 -4.94 -37.61
C ASN A 135 -19.39 -5.97 -37.37
N VAL A 136 -19.63 -6.34 -36.11
CA VAL A 136 -20.77 -7.20 -35.71
C VAL A 136 -21.90 -6.29 -35.22
N LYS A 137 -23.01 -6.26 -35.95
CA LYS A 137 -24.23 -5.48 -35.61
C LYS A 137 -25.24 -6.40 -34.93
N GLN A 138 -26.04 -5.86 -34.00
CA GLN A 138 -27.08 -6.61 -33.27
C GLN A 138 -28.43 -6.35 -33.96
N GLU A 139 -28.59 -6.99 -35.12
CA GLU A 139 -29.77 -6.89 -35.99
C GLU A 139 -30.36 -8.29 -36.15
N ALA A 140 -31.19 -8.52 -37.17
CA ALA A 140 -32.04 -9.72 -37.34
C ALA A 140 -31.17 -11.00 -37.37
N ALA A 141 -29.98 -10.93 -37.96
CA ALA A 141 -29.10 -12.10 -38.20
C ALA A 141 -28.09 -12.29 -37.06
N PHE A 142 -28.22 -11.52 -35.97
CA PHE A 142 -27.44 -11.71 -34.72
C PHE A 142 -28.15 -12.76 -33.87
N ALA A 143 -27.65 -14.00 -33.91
CA ALA A 143 -28.30 -15.18 -33.29
C ALA A 143 -27.23 -16.06 -32.63
N PRO A 144 -26.46 -15.53 -31.66
CA PRO A 144 -25.37 -16.29 -31.04
C PRO A 144 -25.84 -17.59 -30.37
N HIS A 145 -27.04 -17.59 -29.79
CA HIS A 145 -27.60 -18.79 -29.11
C HIS A 145 -27.82 -19.91 -30.13
N LEU A 146 -28.18 -19.57 -31.37
CA LEU A 146 -28.33 -20.52 -32.49
C LEU A 146 -26.97 -20.81 -33.14
N GLY A 147 -25.93 -20.08 -32.76
CA GLY A 147 -24.53 -20.35 -33.15
C GLY A 147 -24.09 -19.58 -34.38
N THR A 148 -24.82 -18.54 -34.77
CA THR A 148 -24.53 -17.72 -35.98
C THR A 148 -24.65 -16.20 -35.73
N ILE A 149 -23.69 -15.44 -36.22
CA ILE A 149 -23.77 -13.95 -36.15
C ILE A 149 -23.31 -13.42 -37.51
N GLN A 150 -23.96 -12.38 -37.99
CA GLN A 150 -23.51 -11.70 -39.23
C GLN A 150 -22.34 -10.78 -38.88
N ALA A 151 -21.52 -10.47 -39.88
CA ALA A 151 -20.39 -9.55 -39.71
C ALA A 151 -20.01 -8.88 -41.03
N ASP A 152 -19.86 -7.57 -41.02
CA ASP A 152 -19.30 -6.86 -42.19
C ASP A 152 -17.78 -7.02 -42.17
N GLY A 153 -17.13 -6.98 -43.32
CA GLY A 153 -15.67 -7.05 -43.47
C GLY A 153 -15.17 -8.44 -43.81
N LEU A 154 -16.07 -9.38 -44.15
CA LEU A 154 -15.70 -10.81 -44.40
C LEU A 154 -15.95 -11.20 -45.87
N SER A 155 -16.33 -10.26 -46.75
CA SER A 155 -16.70 -10.52 -48.17
C SER A 155 -15.56 -11.22 -48.90
N ASP A 156 -14.29 -10.90 -48.59
CA ASP A 156 -13.10 -11.38 -49.34
C ASP A 156 -12.43 -12.54 -48.58
N VAL A 157 -13.08 -13.08 -47.52
CA VAL A 157 -12.54 -14.25 -46.77
C VAL A 157 -13.26 -15.51 -47.27
N SER A 158 -12.49 -16.52 -47.69
CA SER A 158 -12.99 -17.82 -48.18
C SER A 158 -13.90 -18.47 -47.13
N VAL A 159 -14.98 -19.09 -47.60
CA VAL A 159 -15.90 -19.92 -46.77
C VAL A 159 -15.07 -20.92 -45.96
N ASN A 160 -15.46 -21.09 -44.68
CA ASN A 160 -14.89 -22.07 -43.72
C ASN A 160 -13.49 -21.64 -43.25
N THR A 161 -13.07 -20.40 -43.52
CA THR A 161 -11.86 -19.83 -42.88
C THR A 161 -12.14 -19.72 -41.38
N ASN A 162 -11.34 -20.42 -40.58
CA ASN A 162 -11.46 -20.35 -39.10
C ASN A 162 -10.74 -19.12 -38.57
N MET A 163 -11.44 -18.35 -37.75
CA MET A 163 -10.86 -17.07 -37.30
C MET A 163 -11.18 -16.73 -35.85
N ILE A 164 -10.34 -15.89 -35.25
CA ILE A 164 -10.61 -15.36 -33.89
C ILE A 164 -10.81 -13.83 -34.01
N ALA A 165 -11.88 -13.33 -33.41
CA ALA A 165 -12.22 -11.91 -33.46
C ALA A 165 -12.07 -11.33 -32.05
N LYS A 166 -11.36 -10.21 -31.95
CA LYS A 166 -11.13 -9.55 -30.64
C LYS A 166 -11.76 -8.16 -30.66
N LEU A 167 -12.56 -7.83 -29.66
CA LEU A 167 -13.30 -6.54 -29.57
C LEU A 167 -12.28 -5.41 -29.40
N GLY A 168 -12.27 -4.45 -30.33
CA GLY A 168 -11.44 -3.23 -30.25
C GLY A 168 -12.20 -2.09 -29.59
N TRP A 169 -13.37 -1.76 -30.14
CA TRP A 169 -14.20 -0.61 -29.71
C TRP A 169 -15.66 -0.87 -30.10
N VAL A 170 -16.59 -0.15 -29.46
CA VAL A 170 -18.04 -0.23 -29.76
C VAL A 170 -18.56 1.17 -30.07
N SER A 171 -19.65 1.25 -30.85
CA SER A 171 -20.27 2.50 -31.34
C SER A 171 -21.78 2.32 -31.42
N PRO A 172 -22.57 3.41 -31.53
CA PRO A 172 -24.02 3.29 -31.52
C PRO A 172 -24.53 2.38 -32.64
N ALA A 173 -25.62 1.67 -32.38
CA ALA A 173 -26.25 0.71 -33.32
C ALA A 173 -26.35 1.35 -34.72
N SER A 174 -25.90 0.65 -35.76
CA SER A 174 -25.92 1.14 -37.16
C SER A 174 -27.36 1.47 -37.59
N ASP A 175 -28.36 0.78 -37.04
CA ASP A 175 -29.78 1.00 -37.45
C ASP A 175 -30.43 2.25 -36.84
N GLY A 176 -29.75 2.96 -35.93
CA GLY A 176 -30.24 4.24 -35.38
C GLY A 176 -31.22 4.15 -34.21
N HIS A 177 -31.51 2.97 -33.70
CA HIS A 177 -32.53 2.80 -32.64
C HIS A 177 -32.05 3.31 -31.28
N ARG A 178 -30.76 3.58 -31.15
CA ARG A 178 -30.15 4.09 -29.91
C ARG A 178 -29.04 5.06 -30.31
N GLY A 179 -29.14 6.31 -29.88
CA GLY A 179 -28.14 7.33 -30.24
C GLY A 179 -26.81 7.21 -29.48
N ASN A 180 -26.81 6.50 -28.35
CA ASN A 180 -25.55 6.28 -27.58
C ASN A 180 -25.35 4.78 -27.36
N VAL A 181 -24.17 4.40 -26.86
CA VAL A 181 -23.88 3.03 -26.36
C VAL A 181 -24.19 3.01 -24.87
N ASP A 182 -25.17 2.19 -24.48
CA ASP A 182 -25.59 2.01 -23.07
C ASP A 182 -24.93 0.73 -22.56
N PRO A 183 -23.91 0.84 -21.69
CA PRO A 183 -23.15 -0.32 -21.22
C PRO A 183 -23.85 -1.14 -20.12
N TRP A 184 -25.11 -0.78 -19.78
CA TRP A 184 -25.96 -1.46 -18.79
C TRP A 184 -26.85 -2.50 -19.48
N VAL A 185 -26.93 -2.44 -20.81
CA VAL A 185 -27.84 -3.28 -21.65
C VAL A 185 -27.06 -4.52 -22.11
N ILE A 186 -27.69 -5.71 -22.02
CA ILE A 186 -27.12 -6.98 -22.53
C ILE A 186 -27.72 -7.27 -23.90
N PRO A 187 -27.09 -8.14 -24.71
CA PRO A 187 -27.66 -8.56 -25.98
C PRO A 187 -28.96 -9.35 -25.80
N ARG A 188 -29.75 -9.39 -26.87
CA ARG A 188 -30.80 -10.40 -27.12
C ARG A 188 -30.10 -11.55 -27.86
N TYR A 189 -29.88 -12.67 -27.20
CA TYR A 189 -29.02 -13.78 -27.66
C TYR A 189 -29.78 -14.69 -28.63
N GLY A 190 -31.11 -14.76 -28.46
CA GLY A 190 -32.06 -15.52 -29.30
C GLY A 190 -33.49 -15.00 -29.14
N SER A 191 -34.43 -15.64 -29.82
CA SER A 191 -35.84 -15.16 -29.94
C SER A 191 -36.84 -16.27 -29.55
N THR A 192 -36.41 -17.26 -28.75
CA THR A 192 -37.26 -18.42 -28.37
C THR A 192 -38.16 -18.03 -27.19
N LEU A 193 -39.11 -18.91 -26.86
CA LEU A 193 -40.13 -18.70 -25.79
C LEU A 193 -39.43 -18.70 -24.42
N THR A 194 -38.43 -19.58 -24.24
CA THR A 194 -37.74 -19.80 -22.93
C THR A 194 -36.37 -19.12 -22.95
N GLU A 195 -36.25 -17.94 -23.57
CA GLU A 195 -34.93 -17.33 -23.90
C GLU A 195 -34.31 -16.75 -22.62
N ALA A 196 -35.09 -15.98 -21.86
CA ALA A 196 -34.65 -15.31 -20.61
C ALA A 196 -34.25 -16.36 -19.55
N ALA A 197 -34.79 -17.57 -19.63
CA ALA A 197 -34.53 -18.67 -18.67
C ALA A 197 -33.11 -19.22 -18.86
N GLN A 198 -32.48 -19.08 -20.03
CA GLN A 198 -31.13 -19.67 -20.37
C GLN A 198 -29.99 -18.76 -19.86
N LEU A 199 -30.30 -17.53 -19.44
CA LEU A 199 -29.35 -16.48 -19.05
C LEU A 199 -28.98 -16.65 -17.57
N ALA A 200 -27.80 -16.19 -17.15
CA ALA A 200 -27.50 -15.90 -15.72
C ALA A 200 -28.63 -15.00 -15.22
N PRO A 201 -29.23 -15.29 -14.05
CA PRO A 201 -30.46 -14.62 -13.63
C PRO A 201 -30.29 -13.14 -13.31
N PRO A 202 -31.39 -12.36 -13.23
CA PRO A 202 -31.32 -10.96 -12.85
C PRO A 202 -30.74 -10.80 -11.44
N ILE A 203 -30.05 -9.68 -11.20
CA ILE A 203 -29.53 -9.28 -9.87
C ILE A 203 -30.34 -8.07 -9.40
N TYR A 204 -30.88 -8.13 -8.18
CA TYR A 204 -31.68 -7.03 -7.57
C TYR A 204 -30.97 -6.52 -6.32
N PRO A 205 -31.10 -5.22 -5.97
CA PRO A 205 -30.69 -4.74 -4.65
C PRO A 205 -31.58 -5.44 -3.62
N PRO A 206 -31.01 -6.00 -2.52
CA PRO A 206 -31.78 -6.89 -1.65
C PRO A 206 -32.62 -6.25 -0.53
N GLY A 207 -32.58 -4.92 -0.37
CA GLY A 207 -33.22 -4.19 0.76
C GLY A 207 -32.21 -3.69 1.79
N PHE A 208 -32.68 -3.25 2.95
CA PHE A 208 -31.86 -2.82 4.13
C PHE A 208 -30.96 -1.65 3.74
N GLY A 209 -31.44 -0.74 2.88
CA GLY A 209 -30.70 0.44 2.39
C GLY A 209 -29.56 0.08 1.42
N GLU A 210 -29.46 -1.17 1.00
CA GLU A 210 -28.30 -1.69 0.22
C GLU A 210 -28.47 -1.33 -1.26
N ALA A 211 -27.37 -0.91 -1.88
CA ALA A 211 -27.24 -0.70 -3.34
C ALA A 211 -26.14 -1.61 -3.88
N ILE A 212 -26.33 -2.14 -5.08
CA ILE A 212 -25.33 -2.99 -5.78
C ILE A 212 -24.09 -2.13 -6.07
N VAL A 213 -22.90 -2.67 -5.79
CA VAL A 213 -21.60 -2.02 -6.09
C VAL A 213 -21.21 -2.45 -7.51
N PHE A 214 -20.95 -1.47 -8.37
CA PHE A 214 -20.44 -1.69 -9.75
C PHE A 214 -18.97 -1.27 -9.78
N PHE A 215 -18.14 -2.15 -10.35
CA PHE A 215 -16.70 -1.90 -10.60
C PHE A 215 -16.58 -1.38 -12.04
N MET A 216 -16.13 -0.13 -12.18
CA MET A 216 -16.14 0.61 -13.47
C MET A 216 -14.75 0.53 -14.10
N SER A 217 -14.70 0.23 -15.39
CA SER A 217 -13.47 0.25 -16.23
C SER A 217 -13.74 1.07 -17.48
N ASP A 218 -12.69 1.69 -18.00
CA ASP A 218 -12.72 2.40 -19.31
C ASP A 218 -12.54 1.36 -20.41
N PHE A 219 -13.31 1.51 -21.48
CA PHE A 219 -13.22 0.72 -22.74
C PHE A 219 -13.42 1.70 -23.89
N PRO A 220 -12.81 1.47 -25.08
CA PRO A 220 -13.02 2.36 -26.21
C PRO A 220 -14.47 2.32 -26.69
N ILE A 221 -15.24 3.34 -26.30
CA ILE A 221 -16.69 3.50 -26.63
C ILE A 221 -16.87 4.84 -27.34
N ALA A 222 -17.34 4.81 -28.59
CA ALA A 222 -17.83 6.00 -29.32
C ALA A 222 -19.23 6.32 -28.81
N HIS A 223 -19.45 7.54 -28.30
CA HIS A 223 -20.76 8.06 -27.86
C HIS A 223 -21.34 7.15 -26.76
N GLY A 224 -20.56 6.91 -25.69
CA GLY A 224 -21.03 6.12 -24.53
C GLY A 224 -21.97 6.93 -23.66
N ALA A 225 -23.04 6.30 -23.15
CA ALA A 225 -23.99 6.89 -22.18
C ALA A 225 -23.21 7.43 -20.98
N ASN A 226 -22.17 6.71 -20.57
CA ASN A 226 -21.27 7.09 -19.44
C ASN A 226 -19.84 7.26 -19.97
N GLY A 227 -19.68 7.83 -21.15
CA GLY A 227 -18.38 7.94 -21.83
C GLY A 227 -17.76 6.56 -22.01
N LEU A 228 -16.56 6.37 -21.47
CA LEU A 228 -15.78 5.13 -21.63
C LEU A 228 -16.16 4.08 -20.57
N SER A 229 -17.00 4.46 -19.61
CA SER A 229 -17.31 3.57 -18.46
C SER A 229 -18.15 2.34 -18.75
N VAL A 230 -17.66 1.20 -18.27
CA VAL A 230 -18.38 -0.09 -18.38
C VAL A 230 -18.51 -0.66 -16.96
N PRO A 231 -19.75 -0.88 -16.49
CA PRO A 231 -19.94 -1.51 -15.19
C PRO A 231 -19.90 -3.04 -15.12
N CYS A 232 -19.34 -3.61 -14.05
CA CYS A 232 -19.41 -5.07 -13.80
C CYS A 232 -19.75 -5.29 -12.32
N THR A 233 -20.14 -6.50 -11.92
CA THR A 233 -20.62 -6.76 -10.55
C THR A 233 -19.50 -7.34 -9.69
N ILE A 234 -18.38 -7.77 -10.28
CA ILE A 234 -17.25 -8.37 -9.52
C ILE A 234 -15.99 -8.37 -10.39
N PRO A 235 -14.79 -8.09 -9.82
CA PRO A 235 -13.55 -8.14 -10.60
C PRO A 235 -13.28 -9.55 -11.13
N GLN A 236 -12.69 -9.66 -12.33
CA GLN A 236 -12.42 -10.96 -13.00
C GLN A 236 -11.60 -11.86 -12.06
N GLU A 237 -10.64 -11.29 -11.34
CA GLU A 237 -9.72 -12.08 -10.48
C GLU A 237 -10.50 -12.65 -9.29
N PHE A 238 -11.61 -12.01 -8.89
CA PHE A 238 -12.53 -12.55 -7.85
C PHE A 238 -13.23 -13.79 -8.43
N VAL A 239 -13.70 -13.71 -9.68
CA VAL A 239 -14.32 -14.87 -10.38
C VAL A 239 -13.35 -16.07 -10.30
N THR A 240 -12.12 -15.88 -10.75
CA THR A 240 -11.08 -16.95 -10.82
C THR A 240 -10.84 -17.52 -9.43
N HIS A 241 -10.76 -16.64 -8.42
CA HIS A 241 -10.50 -17.00 -7.00
C HIS A 241 -11.59 -17.94 -6.51
N PHE A 242 -12.86 -17.64 -6.77
CA PHE A 242 -14.01 -18.47 -6.30
C PHE A 242 -13.97 -19.82 -7.02
N VAL A 243 -13.73 -19.83 -8.33
CA VAL A 243 -13.65 -21.09 -9.14
C VAL A 243 -12.51 -21.94 -8.56
N ASN A 244 -11.37 -21.32 -8.22
CA ASN A 244 -10.19 -22.03 -7.66
C ASN A 244 -10.52 -22.62 -6.29
N GLU A 245 -11.07 -21.80 -5.38
CA GLU A 245 -11.22 -22.15 -3.93
C GLU A 245 -12.36 -23.15 -3.73
N GLN A 246 -13.49 -22.97 -4.43
CA GLN A 246 -14.71 -23.80 -4.25
C GLN A 246 -15.08 -23.83 -2.75
N ALA A 247 -15.01 -22.70 -2.05
CA ALA A 247 -15.34 -22.61 -0.60
C ALA A 247 -16.85 -22.73 -0.42
N PRO A 248 -17.34 -23.70 0.40
CA PRO A 248 -18.77 -23.79 0.70
C PRO A 248 -19.31 -22.47 1.25
N THR A 249 -20.50 -22.08 0.78
CA THR A 249 -21.24 -20.89 1.27
C THR A 249 -21.93 -21.27 2.58
N ARG A 250 -21.61 -20.60 3.68
CA ARG A 250 -22.04 -21.00 5.06
C ARG A 250 -22.92 -19.91 5.68
N GLY A 251 -23.45 -18.99 4.88
CA GLY A 251 -24.33 -17.90 5.36
C GLY A 251 -25.00 -17.20 4.22
N GLU A 252 -25.90 -16.26 4.52
CA GLU A 252 -26.73 -15.57 3.51
C GLU A 252 -25.91 -14.47 2.84
N ALA A 253 -24.84 -13.99 3.47
CA ALA A 253 -23.94 -12.96 2.91
C ALA A 253 -22.59 -13.01 3.61
N ALA A 254 -21.53 -12.71 2.86
CA ALA A 254 -20.15 -12.56 3.37
C ALA A 254 -19.91 -11.08 3.66
N LEU A 255 -19.77 -10.74 4.94
CA LEU A 255 -19.35 -9.38 5.38
C LEU A 255 -17.88 -9.18 4.98
N LEU A 256 -17.59 -8.12 4.24
CA LEU A 256 -16.21 -7.71 3.86
C LEU A 256 -15.91 -6.36 4.50
N HIS A 257 -14.64 -6.14 4.85
CA HIS A 257 -14.05 -4.78 5.02
C HIS A 257 -13.26 -4.45 3.76
N TYR A 258 -13.34 -3.19 3.32
CA TYR A 258 -12.42 -2.58 2.33
C TYR A 258 -11.34 -1.83 3.13
N LEU A 259 -10.11 -2.34 3.09
CA LEU A 259 -8.97 -1.85 3.91
C LEU A 259 -8.05 -0.98 3.06
N ASP A 260 -7.52 0.08 3.62
CA ASP A 260 -6.39 0.83 3.01
C ASP A 260 -5.12 0.20 3.57
N PRO A 261 -4.33 -0.54 2.76
CA PRO A 261 -3.11 -1.17 3.24
C PRO A 261 -1.98 -0.17 3.54
N ASP A 262 -2.08 1.06 3.03
CA ASP A 262 -1.04 2.11 3.14
C ASP A 262 -1.23 2.94 4.42
N THR A 263 -2.49 3.22 4.78
CA THR A 263 -2.86 4.02 5.99
C THR A 263 -3.29 3.12 7.15
N HIS A 264 -3.58 1.84 6.88
CA HIS A 264 -4.03 0.85 7.90
C HIS A 264 -5.40 1.23 8.46
N ARG A 265 -6.25 1.84 7.63
CA ARG A 265 -7.64 2.25 8.01
C ARG A 265 -8.67 1.34 7.32
N ASN A 266 -9.74 0.99 8.03
CA ASN A 266 -10.95 0.32 7.50
C ASN A 266 -11.81 1.40 6.84
N LEU A 267 -12.03 1.32 5.52
CA LEU A 267 -12.70 2.39 4.72
C LEU A 267 -14.19 2.11 4.54
N GLY A 268 -14.64 0.92 4.92
CA GLY A 268 -16.05 0.61 4.69
C GLY A 268 -16.40 -0.84 4.75
N GLU A 269 -17.66 -1.10 5.09
CA GLU A 269 -18.14 -2.48 5.17
C GLU A 269 -19.02 -2.80 3.97
N PHE A 270 -18.94 -4.03 3.50
CA PHE A 270 -19.67 -4.46 2.29
C PHE A 270 -20.25 -5.85 2.47
N LYS A 271 -21.28 -6.18 1.71
CA LYS A 271 -21.87 -7.53 1.74
C LYS A 271 -21.78 -8.20 0.36
N LEU A 272 -21.18 -9.39 0.33
CA LEU A 272 -21.01 -10.20 -0.90
C LEU A 272 -21.98 -11.38 -0.82
N TYR A 273 -22.95 -11.46 -1.73
CA TYR A 273 -24.07 -12.44 -1.69
C TYR A 273 -23.65 -13.70 -2.43
N PRO A 274 -24.26 -14.87 -2.10
CA PRO A 274 -23.96 -16.14 -2.78
C PRO A 274 -24.00 -16.03 -4.31
N GLU A 275 -24.86 -15.15 -4.84
CA GLU A 275 -25.08 -14.98 -6.30
C GLU A 275 -23.91 -14.21 -6.94
N GLY A 276 -22.93 -13.76 -6.14
CA GLY A 276 -21.62 -13.27 -6.63
C GLY A 276 -21.58 -11.77 -6.84
N PHE A 277 -22.58 -11.02 -6.37
CA PHE A 277 -22.62 -9.55 -6.43
C PHE A 277 -22.43 -9.00 -5.00
N MET A 278 -21.99 -7.75 -4.94
CA MET A 278 -21.58 -7.04 -3.70
C MET A 278 -22.51 -5.84 -3.52
N THR A 279 -22.83 -5.51 -2.26
CA THR A 279 -23.63 -4.31 -1.91
C THR A 279 -22.90 -3.51 -0.83
N CYS A 280 -23.26 -2.24 -0.73
CA CYS A 280 -22.95 -1.34 0.42
C CYS A 280 -24.21 -0.55 0.74
N VAL A 281 -24.21 0.16 1.87
CA VAL A 281 -25.25 1.17 2.21
C VAL A 281 -24.64 2.54 1.93
N PRO A 282 -25.05 3.25 0.85
CA PRO A 282 -24.52 4.60 0.61
C PRO A 282 -25.03 5.56 1.68
N ASN A 283 -24.16 6.45 2.14
CA ASN A 283 -24.51 7.49 3.16
C ASN A 283 -25.58 8.40 2.59
N SER A 284 -26.76 8.44 3.23
CA SER A 284 -27.86 9.36 2.85
C SER A 284 -27.98 9.47 1.34
N SER A 285 -28.05 10.68 0.83
CA SER A 285 -28.00 10.84 -0.64
C SER A 285 -26.51 10.76 -0.93
N GLY A 286 -26.08 9.73 -1.65
CA GLY A 286 -24.64 9.70 -1.81
C GLY A 286 -24.11 8.84 -2.89
N THR A 287 -22.88 9.14 -3.28
CA THR A 287 -22.19 8.41 -4.35
C THR A 287 -21.60 7.14 -3.72
N GLY A 288 -21.76 7.01 -2.41
CA GLY A 288 -21.35 5.79 -1.71
C GLY A 288 -19.86 5.50 -1.92
N PRO A 289 -19.50 4.35 -2.53
CA PRO A 289 -18.11 3.93 -2.62
C PRO A 289 -17.29 4.68 -3.69
N GLN A 290 -17.93 5.59 -4.44
CA GLN A 290 -17.30 6.35 -5.54
C GLN A 290 -16.16 7.25 -5.03
N THR A 291 -16.24 7.76 -3.80
CA THR A 291 -15.20 8.66 -3.22
C THR A 291 -14.07 7.86 -2.58
N LEU A 292 -14.25 6.55 -2.38
CA LEU A 292 -13.20 5.69 -1.76
C LEU A 292 -12.02 5.58 -2.71
N PRO A 293 -10.79 5.44 -2.19
CA PRO A 293 -9.62 5.20 -3.03
C PRO A 293 -9.73 3.80 -3.65
N ILE A 294 -9.12 3.64 -4.81
CA ILE A 294 -9.27 2.43 -5.66
C ILE A 294 -8.11 1.46 -5.42
N ASN A 295 -7.19 1.78 -4.50
CA ASN A 295 -6.00 0.92 -4.22
C ASN A 295 -6.20 0.15 -2.90
N GLY A 296 -7.42 0.09 -2.38
CA GLY A 296 -7.76 -0.70 -1.18
C GLY A 296 -7.91 -2.17 -1.51
N VAL A 297 -8.01 -3.03 -0.49
CA VAL A 297 -8.20 -4.49 -0.61
C VAL A 297 -9.42 -4.89 0.21
N PHE A 298 -10.25 -5.77 -0.36
CA PHE A 298 -11.36 -6.45 0.35
C PHE A 298 -10.77 -7.60 1.18
N VAL A 299 -11.34 -7.81 2.38
CA VAL A 299 -11.00 -8.96 3.25
C VAL A 299 -12.31 -9.49 3.83
N PHE A 300 -12.48 -10.81 3.81
CA PHE A 300 -13.62 -11.52 4.42
C PHE A 300 -13.55 -11.34 5.94
N VAL A 301 -14.66 -10.94 6.56
CA VAL A 301 -14.77 -10.78 8.05
C VAL A 301 -15.46 -12.04 8.59
N SER A 302 -16.70 -12.29 8.17
CA SER A 302 -17.55 -13.39 8.67
C SER A 302 -18.81 -13.54 7.81
N TRP A 303 -19.48 -14.69 7.95
CA TRP A 303 -20.83 -14.94 7.40
C TRP A 303 -21.88 -14.23 8.26
N VAL A 304 -22.79 -13.51 7.63
CA VAL A 304 -23.88 -12.75 8.31
C VAL A 304 -25.21 -13.08 7.63
N SER A 305 -26.31 -12.78 8.33
CA SER A 305 -27.71 -12.93 7.84
C SER A 305 -27.98 -11.89 6.75
N ARG A 306 -29.00 -12.14 5.92
CA ARG A 306 -29.44 -11.19 4.86
C ARG A 306 -29.80 -9.84 5.48
N PHE A 307 -30.26 -9.80 6.74
CA PHE A 307 -30.80 -8.55 7.36
C PHE A 307 -29.70 -7.79 8.13
N TYR A 308 -28.49 -8.33 8.21
CA TYR A 308 -27.34 -7.64 8.85
C TYR A 308 -27.19 -6.24 8.23
N GLN A 309 -27.33 -5.19 9.06
CA GLN A 309 -27.36 -3.75 8.65
C GLN A 309 -25.91 -3.24 8.58
N LEU A 310 -25.49 -2.78 7.41
CA LEU A 310 -24.12 -2.24 7.17
C LEU A 310 -24.03 -0.79 7.66
N LYS A 311 -22.87 -0.40 8.15
CA LYS A 311 -22.45 1.02 8.34
C LYS A 311 -22.42 1.70 6.97
N PRO A 312 -23.09 2.86 6.81
CA PRO A 312 -23.00 3.64 5.57
C PRO A 312 -21.56 3.90 5.11
N VAL A 313 -21.36 3.99 3.80
CA VAL A 313 -20.04 4.24 3.17
C VAL A 313 -20.15 5.52 2.31
N GLY A 314 -19.13 6.37 2.38
CA GLY A 314 -19.01 7.59 1.55
C GLY A 314 -19.46 8.84 2.28
N THR A 315 -19.62 9.93 1.53
CA THR A 315 -19.96 11.30 2.01
C THR A 315 -21.47 11.46 1.94
N LYS B 12 -0.91 -19.08 3.37
CA LYS B 12 0.42 -19.23 4.07
C LYS B 12 1.12 -20.50 3.59
N PRO B 13 0.50 -21.70 3.59
CA PRO B 13 1.08 -22.87 2.93
C PRO B 13 1.12 -22.64 1.41
N PHE B 14 2.16 -23.14 0.73
CA PHE B 14 2.34 -22.92 -0.73
C PHE B 14 1.30 -23.78 -1.48
N SER B 15 0.74 -23.24 -2.56
CA SER B 15 -0.18 -23.96 -3.48
C SER B 15 -0.07 -23.36 -4.88
N VAL B 16 -0.54 -24.11 -5.88
CA VAL B 16 -0.75 -23.62 -7.26
C VAL B 16 -2.25 -23.70 -7.53
N PRO B 17 -2.80 -22.93 -8.49
CA PRO B 17 -4.24 -22.98 -8.79
C PRO B 17 -4.70 -24.40 -9.13
N ASN B 18 -5.87 -24.78 -8.59
CA ASN B 18 -6.61 -26.01 -8.96
C ASN B 18 -7.49 -25.69 -10.18
N LEU B 19 -6.86 -25.23 -11.27
CA LEU B 19 -7.58 -24.79 -12.50
C LEU B 19 -6.99 -25.50 -13.72
N PRO B 20 -7.84 -26.06 -14.62
CA PRO B 20 -7.34 -26.75 -15.80
C PRO B 20 -6.59 -25.76 -16.71
N LEU B 21 -5.40 -26.18 -17.17
CA LEU B 21 -4.42 -25.34 -17.93
C LEU B 21 -5.11 -24.64 -19.10
N ASN B 22 -6.00 -25.36 -19.81
CA ASN B 22 -6.62 -24.91 -21.08
C ASN B 22 -7.62 -23.78 -20.84
N THR B 23 -7.95 -23.46 -19.58
CA THR B 23 -8.82 -22.31 -19.21
C THR B 23 -7.97 -21.10 -18.80
N LEU B 24 -6.64 -21.27 -18.74
CA LEU B 24 -5.71 -20.23 -18.21
C LEU B 24 -5.04 -19.51 -19.36
N SER B 25 -4.50 -18.32 -19.07
CA SER B 25 -3.87 -17.40 -20.05
C SER B 25 -2.35 -17.60 -20.04
N ASN B 26 -1.74 -17.45 -21.21
CA ASN B 26 -0.31 -17.12 -21.39
C ASN B 26 -0.01 -15.89 -20.52
N SER B 27 1.21 -15.78 -20.00
CA SER B 27 1.62 -14.62 -19.17
C SER B 27 2.41 -13.60 -20.01
N ARG B 28 2.61 -13.84 -21.30
CA ARG B 28 3.30 -12.88 -22.21
C ARG B 28 2.32 -12.28 -23.23
N VAL B 29 1.32 -13.04 -23.68
CA VAL B 29 0.24 -12.57 -24.59
C VAL B 29 -1.10 -12.98 -23.97
N PRO B 30 -2.15 -12.15 -24.08
CA PRO B 30 -3.46 -12.48 -23.52
C PRO B 30 -4.20 -13.48 -24.42
N SER B 31 -3.77 -14.75 -24.40
CA SER B 31 -4.37 -15.88 -25.15
C SER B 31 -4.38 -17.12 -24.25
N LEU B 32 -5.36 -18.01 -24.44
CA LEU B 32 -5.50 -19.28 -23.69
C LEU B 32 -4.27 -20.15 -23.94
N ILE B 33 -3.88 -20.95 -22.95
CA ILE B 33 -2.79 -21.97 -23.08
C ILE B 33 -3.29 -23.07 -24.01
N ARG B 34 -2.53 -23.40 -25.05
CA ARG B 34 -2.87 -24.44 -26.06
C ARG B 34 -2.13 -25.74 -25.76
N SER B 35 -0.88 -25.64 -25.30
CA SER B 35 0.00 -26.81 -25.07
C SER B 35 1.11 -26.45 -24.09
N MET B 36 1.81 -27.48 -23.62
CA MET B 36 3.09 -27.41 -22.90
C MET B 36 4.15 -28.02 -23.81
N MET B 37 5.40 -27.58 -23.70
CA MET B 37 6.52 -28.18 -24.45
C MET B 37 7.82 -27.93 -23.69
N VAL B 38 8.87 -28.67 -24.05
CA VAL B 38 10.29 -28.32 -23.75
C VAL B 38 10.92 -27.92 -25.08
N SER B 39 12.06 -27.23 -25.08
CA SER B 39 12.72 -26.69 -26.30
C SER B 39 14.21 -27.04 -26.31
N ARG B 40 14.64 -27.82 -27.30
CA ARG B 40 16.08 -28.13 -27.54
C ARG B 40 16.81 -26.84 -27.93
N ASP B 41 16.26 -26.10 -28.91
CA ASP B 41 16.92 -24.93 -29.55
C ASP B 41 16.90 -23.70 -28.64
N HIS B 42 15.87 -23.51 -27.79
CA HIS B 42 15.64 -22.24 -27.05
C HIS B 42 15.63 -22.42 -25.52
N GLY B 43 15.69 -23.67 -25.03
CA GLY B 43 15.52 -23.99 -23.61
C GLY B 43 16.78 -23.79 -22.77
N GLN B 44 17.90 -23.37 -23.36
CA GLN B 44 19.20 -23.21 -22.66
C GLN B 44 19.20 -21.92 -21.84
N MET B 45 18.47 -20.88 -22.27
CA MET B 45 18.33 -19.60 -21.53
C MET B 45 17.14 -18.81 -22.08
N VAL B 46 16.29 -18.30 -21.19
CA VAL B 46 15.25 -17.29 -21.51
C VAL B 46 15.33 -16.16 -20.49
N GLN B 47 14.96 -14.95 -20.88
CA GLN B 47 14.91 -13.76 -19.98
C GLN B 47 13.61 -12.98 -20.27
N PHE B 48 12.49 -13.68 -20.45
CA PHE B 48 11.16 -13.04 -20.61
C PHE B 48 10.99 -12.05 -19.45
N GLN B 49 10.33 -10.92 -19.72
CA GLN B 49 10.09 -9.83 -18.74
C GLN B 49 8.65 -9.89 -18.22
N ASN B 50 7.74 -10.54 -18.97
CA ASN B 50 6.36 -10.84 -18.52
C ASN B 50 6.28 -12.31 -18.10
N GLY B 51 5.34 -12.62 -17.20
CA GLY B 51 5.22 -13.96 -16.57
C GLY B 51 6.32 -14.20 -15.56
N ARG B 52 6.86 -13.14 -14.97
CA ARG B 52 8.02 -13.21 -14.04
C ARG B 52 7.55 -12.90 -12.63
N VAL B 53 7.70 -13.85 -11.72
CA VAL B 53 7.16 -13.81 -10.34
C VAL B 53 7.93 -14.81 -9.50
N THR B 54 8.14 -14.52 -8.22
CA THR B 54 8.67 -15.50 -7.24
C THR B 54 7.49 -16.32 -6.71
N LEU B 55 7.76 -17.49 -6.13
CA LEU B 55 6.73 -18.37 -5.53
C LEU B 55 6.14 -17.71 -4.29
N ASP B 56 6.84 -16.73 -3.68
CA ASP B 56 6.33 -15.97 -2.51
C ASP B 56 5.63 -14.68 -2.95
N GLY B 57 5.50 -14.45 -4.26
CA GLY B 57 4.55 -13.48 -4.84
C GLY B 57 5.14 -12.09 -5.05
N GLN B 58 6.43 -12.00 -5.42
CA GLN B 58 7.06 -10.72 -5.85
C GLN B 58 7.04 -10.67 -7.37
N LEU B 59 6.27 -9.75 -7.95
CA LEU B 59 6.24 -9.50 -9.42
C LEU B 59 7.59 -8.95 -9.87
N GLN B 60 8.08 -9.38 -11.02
CA GLN B 60 9.40 -8.98 -11.58
C GLN B 60 9.21 -8.53 -13.02
N GLY B 61 10.24 -7.91 -13.61
CA GLY B 61 10.20 -7.35 -14.96
C GLY B 61 9.04 -6.40 -15.13
N THR B 62 8.20 -6.62 -16.14
CA THR B 62 7.03 -5.77 -16.47
C THR B 62 5.74 -6.52 -16.16
N THR B 63 5.84 -7.60 -15.40
CA THR B 63 4.74 -8.58 -15.16
C THR B 63 3.61 -7.90 -14.39
N PRO B 64 2.37 -7.89 -14.93
CA PRO B 64 1.21 -7.40 -14.19
C PRO B 64 0.54 -8.47 -13.33
N THR B 65 -0.35 -8.04 -12.42
CA THR B 65 -1.27 -8.93 -11.67
C THR B 65 -2.29 -9.53 -12.64
N SER B 66 -2.82 -8.72 -13.55
CA SER B 66 -3.98 -9.06 -14.41
C SER B 66 -3.54 -9.23 -15.87
N ALA B 67 -4.08 -10.26 -16.53
CA ALA B 67 -3.96 -10.53 -17.98
C ALA B 67 -4.44 -9.31 -18.79
N SER B 68 -5.36 -8.52 -18.23
CA SER B 68 -5.95 -7.33 -18.88
C SER B 68 -4.91 -6.20 -19.06
N GLN B 69 -3.78 -6.28 -18.36
CA GLN B 69 -2.70 -5.27 -18.45
C GLN B 69 -1.69 -5.70 -19.53
N LEU B 70 -1.71 -6.96 -19.99
CA LEU B 70 -0.67 -7.53 -20.90
C LEU B 70 -0.75 -6.93 -22.30
N CYS B 71 0.41 -6.66 -22.89
CA CYS B 71 0.56 -6.19 -24.30
C CYS B 71 -0.19 -4.87 -24.55
N LYS B 72 -0.19 -4.00 -23.56
CA LYS B 72 -0.78 -2.66 -23.72
C LYS B 72 0.25 -1.60 -23.34
N ILE B 73 0.15 -0.45 -24.00
CA ILE B 73 1.00 0.72 -23.72
C ILE B 73 0.07 1.91 -23.53
N ARG B 74 0.41 2.82 -22.63
CA ARG B 74 -0.34 4.08 -22.45
C ARG B 74 0.65 5.24 -22.42
N GLY B 75 0.27 6.34 -23.05
CA GLY B 75 1.08 7.56 -23.04
C GLY B 75 0.46 8.77 -23.73
N SER B 76 1.20 9.86 -23.85
CA SER B 76 0.76 11.14 -24.46
C SER B 76 1.55 11.35 -25.75
N VAL B 77 0.85 11.73 -26.82
CA VAL B 77 1.46 11.94 -28.16
C VAL B 77 2.42 13.12 -28.06
N PHE B 78 3.62 12.95 -28.62
CA PHE B 78 4.58 14.04 -28.93
C PHE B 78 4.83 14.03 -30.43
N HIS B 79 5.11 15.22 -30.99
CA HIS B 79 5.58 15.42 -32.38
C HIS B 79 6.97 16.04 -32.33
N ALA B 80 7.96 15.31 -32.82
CA ALA B 80 9.37 15.76 -32.96
C ALA B 80 9.80 15.62 -34.42
N ASN B 81 10.82 16.39 -34.84
CA ASN B 81 11.27 16.46 -36.26
C ASN B 81 11.27 15.00 -36.73
N GLY B 82 10.57 14.72 -37.83
CA GLY B 82 10.56 13.40 -38.50
C GLY B 82 10.21 12.19 -37.65
N GLY B 83 9.68 12.39 -36.43
CA GLY B 83 9.34 11.26 -35.54
C GLY B 83 8.27 11.60 -34.52
N ASN B 84 7.19 10.81 -34.45
CA ASN B 84 6.07 10.97 -33.49
C ASN B 84 6.10 9.77 -32.55
N GLY B 85 5.51 9.89 -31.36
CA GLY B 85 5.55 8.79 -30.38
C GLY B 85 4.76 9.11 -29.12
N TYR B 86 5.05 8.36 -28.07
CA TYR B 86 4.37 8.44 -26.76
C TYR B 86 5.41 8.74 -25.68
N ASN B 87 5.10 9.71 -24.83
CA ASN B 87 5.67 9.83 -23.46
C ASN B 87 4.88 8.84 -22.60
N LEU B 88 5.52 7.74 -22.18
CA LEU B 88 4.83 6.58 -21.57
C LEU B 88 4.44 6.89 -20.13
N THR B 89 3.30 6.35 -19.71
CA THR B 89 2.87 6.25 -18.30
C THR B 89 2.54 4.79 -18.03
N GLU B 90 2.16 4.47 -16.79
CA GLU B 90 1.51 3.18 -16.46
C GLU B 90 0.13 3.19 -17.10
N LEU B 91 -0.47 2.01 -17.24
CA LEU B 91 -1.78 1.80 -17.89
C LEU B 91 -2.90 2.55 -17.14
N ASP B 92 -2.74 2.78 -15.83
CA ASP B 92 -3.75 3.50 -15.00
C ASP B 92 -3.54 5.01 -15.07
N GLY B 93 -2.55 5.48 -15.84
CA GLY B 93 -2.28 6.92 -16.06
C GLY B 93 -1.23 7.47 -15.11
N SER B 94 -0.90 6.73 -14.03
CA SER B 94 0.11 7.14 -13.03
C SER B 94 1.50 7.09 -13.66
N PRO B 95 2.49 7.85 -13.13
CA PRO B 95 3.81 7.97 -13.76
C PRO B 95 4.58 6.64 -13.83
N TYR B 96 5.35 6.46 -14.90
CA TYR B 96 6.29 5.32 -15.06
C TYR B 96 7.57 5.64 -14.29
N HIS B 97 7.89 4.81 -13.29
CA HIS B 97 9.11 4.89 -12.45
C HIS B 97 10.08 3.78 -12.88
N ALA B 98 11.25 4.16 -13.37
CA ALA B 98 12.37 3.26 -13.76
C ALA B 98 12.86 2.40 -12.59
N PHE B 99 12.66 2.82 -11.33
CA PHE B 99 13.05 2.07 -10.12
C PHE B 99 12.12 0.87 -9.88
N GLU B 100 10.93 0.86 -10.51
CA GLU B 100 9.92 -0.23 -10.40
C GLU B 100 10.24 -1.35 -11.41
N SER B 101 10.59 -1.00 -12.66
CA SER B 101 10.54 -1.94 -13.82
C SER B 101 11.32 -1.37 -15.02
N PRO B 102 11.75 -2.21 -15.99
CA PRO B 102 12.48 -1.76 -17.18
C PRO B 102 11.62 -1.10 -18.27
N ALA B 103 10.30 -1.15 -18.09
CA ALA B 103 9.28 -0.45 -18.91
C ALA B 103 8.00 -0.41 -18.09
N PRO B 104 6.95 0.34 -18.50
CA PRO B 104 5.67 0.30 -17.78
C PRO B 104 5.16 -1.13 -17.68
N ILE B 105 4.36 -1.41 -16.66
CA ILE B 105 3.82 -2.77 -16.39
C ILE B 105 2.95 -3.16 -17.58
N GLY B 106 3.08 -4.41 -18.03
CA GLY B 106 2.31 -4.99 -19.14
C GLY B 106 2.88 -4.67 -20.51
N PHE B 107 3.96 -3.89 -20.58
CA PHE B 107 4.69 -3.55 -21.83
C PHE B 107 5.00 -4.86 -22.55
N PRO B 108 4.74 -4.97 -23.87
CA PRO B 108 5.02 -6.21 -24.59
C PRO B 108 6.50 -6.58 -24.49
N ASP B 109 6.84 -7.87 -24.39
CA ASP B 109 8.24 -8.34 -24.34
C ASP B 109 8.56 -9.20 -25.56
N LEU B 110 7.87 -8.97 -26.68
CA LEU B 110 8.19 -9.60 -28.00
C LEU B 110 9.26 -8.74 -28.69
N GLY B 111 10.53 -9.13 -28.56
CA GLY B 111 11.62 -8.29 -29.11
C GLY B 111 11.86 -8.41 -30.61
N GLU B 112 12.60 -7.47 -31.18
CA GLU B 112 13.01 -7.51 -32.60
C GLU B 112 11.87 -7.79 -33.57
N CYS B 113 10.88 -6.91 -33.61
CA CYS B 113 9.70 -7.09 -34.48
C CYS B 113 8.82 -5.84 -34.45
N ASP B 114 7.98 -5.67 -35.48
CA ASP B 114 7.02 -4.54 -35.55
C ASP B 114 5.79 -4.88 -34.71
N TRP B 115 5.35 -3.94 -33.89
CA TRP B 115 4.12 -4.04 -33.07
C TRP B 115 3.00 -3.24 -33.75
N HIS B 116 2.06 -3.94 -34.37
CA HIS B 116 0.82 -3.35 -34.96
C HIS B 116 -0.20 -3.24 -33.83
N MET B 117 -0.53 -2.02 -33.43
CA MET B 117 -1.36 -1.74 -32.24
C MET B 117 -2.51 -0.81 -32.62
N GLU B 118 -3.64 -0.97 -31.94
CA GLU B 118 -4.80 -0.06 -32.04
C GLU B 118 -4.78 0.89 -30.85
N ALA B 119 -4.68 2.19 -31.12
CA ALA B 119 -4.62 3.29 -30.13
C ALA B 119 -5.96 4.02 -30.12
N SER B 120 -6.50 4.25 -28.93
CA SER B 120 -7.76 4.99 -28.69
C SER B 120 -7.55 6.02 -27.58
N PRO B 121 -8.28 7.15 -27.61
CA PRO B 121 -8.15 8.16 -26.55
C PRO B 121 -8.62 7.60 -25.20
N THR B 122 -8.02 8.08 -24.12
CA THR B 122 -8.37 7.74 -22.71
C THR B 122 -9.42 8.73 -22.19
N THR B 123 -9.87 9.66 -23.03
CA THR B 123 -11.02 10.57 -22.79
C THR B 123 -12.16 10.17 -23.73
N GLN B 124 -13.40 10.31 -23.26
CA GLN B 124 -14.62 9.90 -24.03
C GLN B 124 -14.56 10.58 -25.41
N PHE B 125 -14.99 9.86 -26.44
CA PHE B 125 -15.00 10.31 -27.86
C PHE B 125 -16.34 9.94 -28.48
N ASP B 126 -16.64 10.51 -29.65
CA ASP B 126 -17.97 10.43 -30.31
C ASP B 126 -17.97 9.42 -31.46
N THR B 127 -16.84 9.26 -32.17
CA THR B 127 -16.73 8.47 -33.42
C THR B 127 -15.40 7.69 -33.44
N GLY B 128 -15.26 6.74 -34.35
CA GLY B 128 -14.04 5.93 -34.47
C GLY B 128 -12.94 6.61 -35.27
N ASP B 129 -13.11 7.88 -35.62
CA ASP B 129 -12.10 8.63 -36.40
C ASP B 129 -10.92 8.98 -35.49
N VAL B 130 -11.07 8.85 -34.17
CA VAL B 130 -9.98 9.09 -33.17
C VAL B 130 -9.24 7.78 -32.87
N ILE B 131 -9.72 6.68 -33.44
CA ILE B 131 -9.03 5.37 -33.30
C ILE B 131 -7.97 5.26 -34.39
N LYS B 132 -6.71 5.01 -34.01
CA LYS B 132 -5.55 4.97 -34.93
C LYS B 132 -4.89 3.60 -34.89
N GLN B 133 -4.57 3.07 -36.08
CA GLN B 133 -3.68 1.90 -36.27
C GLN B 133 -2.25 2.44 -36.28
N ILE B 134 -1.46 2.06 -35.27
CA ILE B 134 -0.04 2.52 -35.15
C ILE B 134 0.88 1.33 -35.36
N ASN B 135 2.14 1.61 -35.72
CA ASN B 135 3.22 0.61 -35.86
C ASN B 135 4.39 1.06 -34.99
N VAL B 136 4.74 0.28 -33.96
CA VAL B 136 5.92 0.55 -33.09
C VAL B 136 7.05 -0.34 -33.59
N LYS B 137 8.12 0.27 -34.11
CA LYS B 137 9.37 -0.42 -34.54
C LYS B 137 10.40 -0.38 -33.41
N GLN B 138 11.23 -1.41 -33.30
CA GLN B 138 12.33 -1.50 -32.30
C GLN B 138 13.62 -1.05 -32.98
N GLU B 139 13.74 0.27 -33.18
CA GLU B 139 14.92 0.95 -33.79
C GLU B 139 15.46 1.94 -32.76
N ALA B 140 16.23 2.94 -33.19
CA ALA B 140 17.05 3.82 -32.33
C ALA B 140 16.18 4.55 -31.29
N ALA B 141 14.96 4.96 -31.66
CA ALA B 141 14.07 5.80 -30.83
C ALA B 141 13.11 4.95 -29.98
N PHE B 142 13.29 3.62 -29.97
CA PHE B 142 12.61 2.69 -29.05
C PHE B 142 13.37 2.65 -27.72
N ALA B 143 12.88 3.39 -26.71
CA ALA B 143 13.60 3.62 -25.43
C ALA B 143 12.61 3.56 -24.27
N PRO B 144 11.95 2.40 -24.06
CA PRO B 144 10.91 2.30 -23.04
C PRO B 144 11.41 2.59 -21.62
N HIS B 145 12.65 2.21 -21.30
CA HIS B 145 13.22 2.46 -19.94
C HIS B 145 13.39 3.96 -19.71
N LEU B 146 13.64 4.74 -20.77
CA LEU B 146 13.73 6.23 -20.71
C LEU B 146 12.32 6.84 -20.77
N GLY B 147 11.30 6.01 -21.08
CA GLY B 147 9.88 6.41 -21.04
C GLY B 147 9.39 6.98 -22.38
N THR B 148 10.07 6.66 -23.48
CA THR B 148 9.68 7.16 -24.83
C THR B 148 9.80 6.03 -25.85
N ILE B 149 8.80 5.94 -26.73
CA ILE B 149 8.85 5.12 -27.97
C ILE B 149 8.34 5.96 -29.13
N GLN B 150 8.88 5.73 -30.33
CA GLN B 150 8.31 6.25 -31.58
C GLN B 150 7.27 5.26 -32.10
N ALA B 151 6.33 5.77 -32.89
CA ALA B 151 5.26 4.99 -33.54
C ALA B 151 4.86 5.71 -34.84
N ASP B 152 4.72 4.96 -35.93
CA ASP B 152 4.03 5.44 -37.16
C ASP B 152 2.52 5.49 -36.87
N GLY B 153 1.81 6.39 -37.54
CA GLY B 153 0.34 6.47 -37.53
C GLY B 153 -0.20 7.52 -36.57
N LEU B 154 0.66 8.42 -36.06
CA LEU B 154 0.27 9.46 -35.06
C LEU B 154 0.31 10.88 -35.65
N SER B 155 0.61 11.06 -36.95
CA SER B 155 0.81 12.39 -37.57
C SER B 155 -0.42 13.28 -37.44
N ASP B 156 -1.63 12.70 -37.46
CA ASP B 156 -2.92 13.45 -37.43
C ASP B 156 -3.53 13.42 -36.04
N VAL B 157 -2.80 12.99 -35.01
CA VAL B 157 -3.24 13.06 -33.59
C VAL B 157 -2.60 14.31 -32.96
N SER B 158 -3.43 15.16 -32.35
CA SER B 158 -3.00 16.39 -31.63
C SER B 158 -1.96 16.04 -30.56
N VAL B 159 -0.91 16.84 -30.43
CA VAL B 159 0.14 16.69 -29.38
C VAL B 159 -0.55 16.63 -28.03
N ASN B 160 -0.05 15.77 -27.14
CA ASN B 160 -0.50 15.61 -25.73
C ASN B 160 -1.85 14.89 -25.66
N THR B 161 -2.33 14.32 -26.77
CA THR B 161 -3.48 13.39 -26.73
C THR B 161 -3.03 12.16 -25.93
N ASN B 162 -3.75 11.86 -24.85
CA ASN B 162 -3.49 10.66 -24.02
C ASN B 162 -4.20 9.48 -24.67
N MET B 163 -3.48 8.37 -24.82
CA MET B 163 -4.01 7.20 -25.54
C MET B 163 -3.60 5.85 -24.95
N ILE B 164 -4.45 4.85 -25.09
CA ILE B 164 -4.09 3.45 -24.73
C ILE B 164 -3.95 2.69 -26.05
N ALA B 165 -2.81 2.04 -26.26
CA ALA B 165 -2.59 1.23 -27.48
C ALA B 165 -2.55 -0.27 -27.11
N LYS B 166 -3.27 -1.07 -27.87
CA LYS B 166 -3.37 -2.53 -27.61
C LYS B 166 -2.77 -3.34 -28.77
N LEU B 167 -1.85 -4.25 -28.44
CA LEU B 167 -1.15 -5.09 -29.44
C LEU B 167 -2.18 -5.94 -30.18
N GLY B 168 -2.28 -5.77 -31.49
CA GLY B 168 -3.16 -6.59 -32.37
C GLY B 168 -2.39 -7.78 -32.94
N TRP B 169 -1.27 -7.50 -33.61
CA TRP B 169 -0.43 -8.50 -34.30
C TRP B 169 1.01 -7.98 -34.42
N VAL B 170 1.96 -8.88 -34.66
CA VAL B 170 3.40 -8.52 -34.86
C VAL B 170 3.86 -9.11 -36.20
N SER B 171 4.88 -8.49 -36.79
CA SER B 171 5.44 -8.84 -38.11
C SER B 171 6.95 -8.59 -38.09
N PRO B 172 7.72 -9.12 -39.07
CA PRO B 172 9.17 -8.98 -39.05
C PRO B 172 9.60 -7.51 -39.04
N ALA B 173 10.73 -7.23 -38.38
CA ALA B 173 11.32 -5.89 -38.22
C ALA B 173 11.33 -5.16 -39.56
N SER B 174 10.83 -3.91 -39.59
CA SER B 174 10.77 -3.03 -40.79
C SER B 174 12.16 -2.86 -41.41
N ASP B 175 13.23 -2.84 -40.61
CA ASP B 175 14.62 -2.58 -41.09
C ASP B 175 15.20 -3.83 -41.79
N GLY B 176 14.48 -4.96 -41.78
CA GLY B 176 14.79 -6.16 -42.58
C GLY B 176 15.93 -7.00 -41.99
N HIS B 177 16.40 -6.71 -40.78
CA HIS B 177 17.56 -7.40 -40.13
C HIS B 177 17.19 -8.85 -39.76
N ARG B 178 15.90 -9.18 -39.75
CA ARG B 178 15.37 -10.54 -39.44
C ARG B 178 14.26 -10.85 -40.42
N GLY B 179 14.19 -12.08 -40.94
CA GLY B 179 13.14 -12.52 -41.86
C GLY B 179 11.89 -12.99 -41.14
N ASN B 180 12.00 -13.38 -39.86
CA ASN B 180 10.87 -13.94 -39.09
C ASN B 180 10.69 -13.16 -37.77
N VAL B 181 9.56 -13.39 -37.10
CA VAL B 181 9.34 -12.96 -35.69
C VAL B 181 9.75 -14.14 -34.80
N ASP B 182 10.75 -13.91 -33.96
CA ASP B 182 11.26 -14.93 -33.00
C ASP B 182 10.67 -14.60 -31.64
N PRO B 183 9.70 -15.39 -31.14
CA PRO B 183 9.02 -15.09 -29.88
C PRO B 183 9.83 -15.46 -28.63
N TRP B 184 11.08 -15.91 -28.80
CA TRP B 184 12.03 -16.26 -27.71
C TRP B 184 12.91 -15.05 -27.36
N VAL B 185 12.90 -14.02 -28.21
CA VAL B 185 13.75 -12.80 -28.10
C VAL B 185 12.96 -11.71 -27.36
N ILE B 186 13.60 -11.04 -26.41
CA ILE B 186 13.02 -9.89 -25.66
C ILE B 186 13.53 -8.60 -26.29
N PRO B 187 12.84 -7.46 -26.03
CA PRO B 187 13.33 -6.15 -26.46
C PRO B 187 14.63 -5.75 -25.75
N ARG B 188 15.32 -4.77 -26.33
CA ARG B 188 16.34 -3.94 -25.66
C ARG B 188 15.61 -2.76 -24.99
N TYR B 189 15.53 -2.77 -23.67
CA TYR B 189 14.79 -1.78 -22.85
C TYR B 189 15.69 -0.57 -22.63
N GLY B 190 17.01 -0.78 -22.57
CA GLY B 190 18.00 0.24 -22.21
C GLY B 190 18.54 0.94 -23.44
N GLU B 195 21.47 -3.09 -19.19
CA GLU B 195 21.67 -1.69 -18.68
C GLU B 195 20.48 -1.29 -17.83
N ALA B 196 19.25 -1.53 -18.31
CA ALA B 196 17.98 -1.13 -17.66
C ALA B 196 17.87 -1.80 -16.29
N ALA B 197 17.60 -1.00 -15.25
CA ALA B 197 17.36 -1.45 -13.86
C ALA B 197 16.05 -2.27 -13.82
N GLN B 198 16.08 -3.44 -13.19
CA GLN B 198 14.89 -4.24 -12.83
C GLN B 198 14.50 -5.17 -13.99
N LEU B 199 15.41 -5.45 -14.96
CA LEU B 199 15.29 -6.66 -15.82
C LEU B 199 15.22 -7.90 -14.94
N ALA B 200 14.14 -8.64 -15.08
CA ALA B 200 14.00 -9.98 -14.47
C ALA B 200 15.17 -10.81 -14.97
N PRO B 201 15.88 -11.55 -14.08
CA PRO B 201 17.13 -12.20 -14.46
C PRO B 201 16.94 -13.36 -15.45
N PRO B 202 18.02 -13.83 -16.10
CA PRO B 202 17.96 -15.00 -16.97
C PRO B 202 17.47 -16.24 -16.19
N ILE B 203 16.78 -17.14 -16.88
CA ILE B 203 16.34 -18.47 -16.37
C ILE B 203 17.15 -19.55 -17.09
N TYR B 204 17.75 -20.47 -16.35
CA TYR B 204 18.60 -21.57 -16.90
C TYR B 204 17.97 -22.91 -16.52
N PRO B 205 18.08 -23.96 -17.36
CA PRO B 205 17.79 -25.32 -16.91
C PRO B 205 18.78 -25.68 -15.81
N PRO B 206 18.34 -26.24 -14.67
CA PRO B 206 19.18 -26.33 -13.47
C PRO B 206 20.08 -27.59 -13.35
N GLY B 207 20.02 -28.52 -14.31
CA GLY B 207 20.74 -29.81 -14.28
C GLY B 207 19.80 -30.98 -14.03
N PHE B 208 20.35 -32.16 -13.73
CA PHE B 208 19.61 -33.38 -13.35
C PHE B 208 18.65 -33.81 -14.46
N GLY B 209 19.01 -33.62 -15.72
CA GLY B 209 18.20 -33.99 -16.91
C GLY B 209 16.99 -33.07 -17.11
N GLU B 210 16.89 -31.98 -16.35
CA GLU B 210 15.69 -31.11 -16.32
C GLU B 210 15.72 -30.15 -17.51
N ALA B 211 14.55 -29.98 -18.15
CA ALA B 211 14.30 -28.98 -19.20
C ALA B 211 13.18 -28.04 -18.73
N ILE B 212 13.28 -26.75 -19.06
CA ILE B 212 12.27 -25.72 -18.69
C ILE B 212 10.97 -26.06 -19.45
N VAL B 213 9.84 -26.02 -18.74
CA VAL B 213 8.48 -26.20 -19.34
C VAL B 213 7.99 -24.83 -19.82
N PHE B 214 7.62 -24.75 -21.10
CA PHE B 214 7.02 -23.55 -21.73
C PHE B 214 5.54 -23.83 -21.98
N PHE B 215 4.69 -22.88 -21.59
CA PHE B 215 3.24 -22.87 -21.83
C PHE B 215 3.00 -22.05 -23.11
N MET B 216 2.49 -22.71 -24.15
CA MET B 216 2.40 -22.15 -25.53
C MET B 216 0.97 -21.65 -25.77
N SER B 217 0.87 -20.45 -26.34
CA SER B 217 -0.41 -19.84 -26.77
C SER B 217 -0.24 -19.28 -28.18
N ASP B 218 -1.33 -19.25 -28.95
CA ASP B 218 -1.34 -18.63 -30.29
C ASP B 218 -1.59 -17.12 -30.11
N PHE B 219 -0.86 -16.34 -30.91
CA PHE B 219 -1.02 -14.89 -31.06
C PHE B 219 -0.90 -14.56 -32.54
N PRO B 220 -1.58 -13.50 -33.05
CA PRO B 220 -1.47 -13.14 -34.47
C PRO B 220 -0.04 -12.67 -34.81
N ILE B 221 0.74 -13.56 -35.41
CA ILE B 221 2.16 -13.33 -35.82
C ILE B 221 2.29 -13.58 -37.33
N ALA B 222 2.69 -12.57 -38.09
CA ALA B 222 3.10 -12.69 -39.50
C ALA B 222 4.54 -13.22 -39.52
N HIS B 223 4.76 -14.34 -40.22
CA HIS B 223 6.10 -14.96 -40.44
C HIS B 223 6.72 -15.30 -39.08
N GLY B 224 6.00 -16.01 -38.21
CA GLY B 224 6.53 -16.42 -36.89
C GLY B 224 7.51 -17.57 -37.05
N ALA B 225 8.62 -17.54 -36.29
CA ALA B 225 9.63 -18.63 -36.26
C ALA B 225 8.92 -19.95 -35.93
N ASN B 226 7.91 -19.91 -35.06
CA ASN B 226 7.09 -21.09 -34.67
C ASN B 226 5.62 -20.79 -35.00
N GLY B 227 5.37 -20.19 -36.16
CA GLY B 227 4.02 -19.76 -36.58
C GLY B 227 3.41 -18.81 -35.55
N LEU B 228 2.25 -19.17 -34.98
CA LEU B 228 1.47 -18.31 -34.06
C LEU B 228 1.93 -18.50 -32.60
N SER B 229 2.79 -19.51 -32.32
CA SER B 229 3.06 -19.98 -30.94
C SER B 229 4.03 -19.03 -30.23
N VAL B 230 3.66 -18.67 -29.01
CA VAL B 230 4.46 -17.81 -28.09
C VAL B 230 4.63 -18.59 -26.80
N PRO B 231 5.88 -18.84 -26.35
CA PRO B 231 6.12 -19.48 -25.06
C PRO B 231 6.08 -18.49 -23.89
N CYS B 232 5.68 -18.97 -22.71
CA CYS B 232 5.86 -18.29 -21.42
C CYS B 232 6.25 -19.35 -20.39
N THR B 233 6.73 -18.94 -19.21
CA THR B 233 7.29 -19.86 -18.20
C THR B 233 6.24 -20.22 -17.16
N ILE B 234 5.09 -19.54 -17.10
CA ILE B 234 4.04 -19.81 -16.08
C ILE B 234 2.72 -19.17 -16.54
N PRO B 235 1.56 -19.83 -16.33
CA PRO B 235 0.27 -19.22 -16.67
C PRO B 235 0.03 -17.94 -15.85
N GLN B 236 -0.65 -16.96 -16.46
CA GLN B 236 -0.90 -15.64 -15.82
C GLN B 236 -1.63 -15.87 -14.48
N GLU B 237 -2.57 -16.81 -14.44
CA GLU B 237 -3.42 -17.03 -13.23
C GLU B 237 -2.54 -17.62 -12.10
N PHE B 238 -1.44 -18.28 -12.44
CA PHE B 238 -0.42 -18.75 -11.45
C PHE B 238 0.28 -17.52 -10.86
N VAL B 239 0.65 -16.55 -11.70
CA VAL B 239 1.28 -15.27 -11.24
C VAL B 239 0.37 -14.66 -10.17
N THR B 240 -0.91 -14.46 -10.49
CA THR B 240 -1.91 -13.80 -9.63
C THR B 240 -2.02 -14.57 -8.30
N HIS B 241 -2.05 -15.90 -8.39
CA HIS B 241 -2.19 -16.81 -7.23
C HIS B 241 -1.02 -16.60 -6.26
N PHE B 242 0.22 -16.53 -6.76
CA PHE B 242 1.43 -16.36 -5.91
C PHE B 242 1.38 -14.98 -5.25
N VAL B 243 1.02 -13.94 -6.00
CA VAL B 243 0.93 -12.55 -5.46
C VAL B 243 -0.14 -12.55 -4.36
N ASN B 244 -1.27 -13.23 -4.57
CA ASN B 244 -2.39 -13.30 -3.61
C ASN B 244 -1.94 -14.02 -2.32
N GLU B 245 -1.32 -15.20 -2.46
CA GLU B 245 -1.05 -16.12 -1.31
C GLU B 245 0.13 -15.61 -0.47
N GLN B 246 1.18 -15.08 -1.11
CA GLN B 246 2.44 -14.65 -0.42
C GLN B 246 2.92 -15.78 0.51
N ALA B 247 2.91 -17.02 0.04
CA ALA B 247 3.39 -18.20 0.79
C ALA B 247 4.91 -18.15 0.87
N PRO B 248 5.53 -18.18 2.07
CA PRO B 248 6.99 -18.30 2.17
C PRO B 248 7.49 -19.54 1.40
N THR B 249 8.62 -19.38 0.71
CA THR B 249 9.36 -20.47 0.02
C THR B 249 10.15 -21.25 1.08
N ARG B 250 9.84 -22.54 1.27
CA ARG B 250 10.37 -23.37 2.40
C ARG B 250 11.25 -24.51 1.87
N GLY B 251 11.70 -24.43 0.62
CA GLY B 251 12.58 -25.45 0.02
C GLY B 251 13.17 -24.95 -1.29
N GLU B 252 14.02 -25.77 -1.90
CA GLU B 252 14.79 -25.37 -3.12
C GLU B 252 13.89 -25.50 -4.35
N ALA B 253 12.85 -26.32 -4.28
CA ALA B 253 11.88 -26.54 -5.39
C ALA B 253 10.58 -27.10 -4.83
N ALA B 254 9.47 -26.73 -5.45
CA ALA B 254 8.11 -27.27 -5.17
C ALA B 254 7.85 -28.40 -6.15
N LEU B 255 7.79 -29.64 -5.63
CA LEU B 255 7.37 -30.82 -6.43
C LEU B 255 5.88 -30.67 -6.74
N LEU B 256 5.52 -30.74 -8.02
CA LEU B 256 4.11 -30.75 -8.48
C LEU B 256 3.82 -32.08 -9.16
N HIS B 257 2.58 -32.54 -9.05
CA HIS B 257 1.96 -33.53 -9.96
C HIS B 257 1.07 -32.77 -10.94
N TYR B 258 1.09 -33.20 -12.20
CA TYR B 258 0.09 -32.84 -13.23
C TYR B 258 -0.95 -33.97 -13.25
N LEU B 259 -2.18 -33.65 -12.85
CA LEU B 259 -3.25 -34.65 -12.72
C LEU B 259 -4.15 -34.77 -13.94
N ASP B 260 -4.46 -36.01 -14.30
CA ASP B 260 -5.40 -36.28 -15.40
C ASP B 260 -6.81 -35.82 -15.03
N PRO B 261 -7.53 -35.14 -15.93
CA PRO B 261 -8.88 -34.65 -15.66
C PRO B 261 -10.00 -35.67 -15.35
N ASP B 262 -9.90 -36.88 -15.89
CA ASP B 262 -10.95 -37.92 -15.74
C ASP B 262 -10.60 -38.88 -14.60
N THR B 263 -9.33 -39.22 -14.44
CA THR B 263 -8.90 -40.19 -13.38
C THR B 263 -8.43 -39.45 -12.12
N HIS B 264 -8.06 -38.17 -12.24
CA HIS B 264 -7.55 -37.35 -11.10
C HIS B 264 -6.20 -37.93 -10.69
N ARG B 265 -5.53 -38.60 -11.62
CA ARG B 265 -4.28 -39.34 -11.29
C ARG B 265 -3.02 -38.66 -11.81
N ASN B 266 -1.89 -39.01 -11.21
CA ASN B 266 -0.58 -38.40 -11.51
C ASN B 266 -0.11 -38.80 -12.93
N LEU B 267 0.00 -37.84 -13.86
CA LEU B 267 0.52 -38.08 -15.23
C LEU B 267 2.01 -37.75 -15.32
N GLY B 268 2.56 -37.06 -14.33
CA GLY B 268 3.98 -36.67 -14.37
C GLY B 268 4.33 -35.73 -13.24
N GLU B 269 5.61 -35.75 -12.84
CA GLU B 269 6.13 -34.87 -11.77
C GLU B 269 6.92 -33.74 -12.40
N PHE B 270 6.82 -32.57 -11.79
CA PHE B 270 7.45 -31.30 -12.21
C PHE B 270 8.08 -30.65 -10.98
N LYS B 271 9.14 -29.86 -11.20
CA LYS B 271 9.72 -29.00 -10.14
C LYS B 271 9.52 -27.53 -10.51
N LEU B 272 8.88 -26.79 -9.61
CA LEU B 272 8.62 -25.33 -9.71
C LEU B 272 9.61 -24.64 -8.77
N TYR B 273 10.50 -23.81 -9.33
CA TYR B 273 11.65 -23.21 -8.61
C TYR B 273 11.21 -21.87 -8.02
N PRO B 274 11.86 -21.39 -6.94
CA PRO B 274 11.53 -20.10 -6.34
C PRO B 274 11.44 -18.94 -7.34
N GLU B 275 12.21 -19.02 -8.44
CA GLU B 275 12.31 -17.95 -9.47
C GLU B 275 11.07 -17.97 -10.37
N GLY B 276 10.11 -18.88 -10.16
CA GLY B 276 8.82 -18.87 -10.90
C GLY B 276 8.73 -19.73 -12.15
N PHE B 277 9.78 -20.46 -12.47
CA PHE B 277 9.79 -21.35 -13.66
C PHE B 277 9.66 -22.80 -13.22
N MET B 278 9.22 -23.64 -14.14
CA MET B 278 8.97 -25.05 -13.85
C MET B 278 9.80 -25.92 -14.80
N THR B 279 10.20 -27.08 -14.31
CA THR B 279 10.97 -28.05 -15.12
C THR B 279 10.40 -29.46 -15.04
N CYS B 280 10.64 -30.27 -16.05
CA CYS B 280 10.39 -31.73 -16.04
C CYS B 280 11.63 -32.44 -16.58
N VAL B 281 11.69 -33.76 -16.47
CA VAL B 281 12.70 -34.59 -17.20
C VAL B 281 11.98 -35.23 -18.38
N PRO B 282 12.23 -34.78 -19.63
CA PRO B 282 11.57 -35.40 -20.78
C PRO B 282 12.13 -36.81 -21.00
N ASN B 283 11.26 -37.74 -21.41
CA ASN B 283 11.64 -39.12 -21.84
C ASN B 283 12.67 -38.86 -22.95
N SER B 284 13.48 -39.86 -23.28
CA SER B 284 14.51 -39.88 -24.36
C SER B 284 13.94 -39.29 -25.65
N SER B 285 12.82 -39.83 -26.15
CA SER B 285 12.09 -39.41 -27.39
C SER B 285 12.10 -37.88 -27.56
N GLY B 286 11.51 -37.15 -26.59
CA GLY B 286 11.94 -35.78 -26.24
C GLY B 286 10.85 -34.73 -26.24
N THR B 287 9.59 -35.05 -26.54
CA THR B 287 8.47 -34.07 -26.55
C THR B 287 8.02 -33.80 -25.10
N GLY B 288 8.34 -34.71 -24.16
CA GLY B 288 8.07 -34.53 -22.72
C GLY B 288 6.59 -34.23 -22.44
N PRO B 289 6.25 -33.06 -21.87
CA PRO B 289 4.88 -32.75 -21.46
C PRO B 289 3.90 -32.45 -22.61
N GLN B 290 4.40 -32.40 -23.85
CA GLN B 290 3.63 -32.03 -25.06
C GLN B 290 2.49 -33.01 -25.31
N THR B 291 2.66 -34.30 -24.98
CA THR B 291 1.65 -35.37 -25.25
C THR B 291 0.64 -35.45 -24.10
N LEU B 292 0.89 -34.78 -22.97
CA LEU B 292 -0.06 -34.76 -21.83
C LEU B 292 -1.30 -33.99 -22.26
N PRO B 293 -2.50 -34.34 -21.75
CA PRO B 293 -3.72 -33.59 -22.06
C PRO B 293 -3.61 -32.19 -21.44
N ILE B 294 -4.20 -31.18 -22.07
CA ILE B 294 -3.98 -29.75 -21.71
C ILE B 294 -5.10 -29.30 -20.75
N ASN B 295 -6.03 -30.18 -20.38
CA ASN B 295 -7.14 -29.87 -19.45
C ASN B 295 -6.88 -30.50 -18.08
N GLY B 296 -5.63 -30.89 -17.80
CA GLY B 296 -5.18 -31.38 -16.48
C GLY B 296 -4.95 -30.24 -15.51
N VAL B 297 -4.63 -30.55 -14.25
CA VAL B 297 -4.36 -29.52 -13.20
C VAL B 297 -3.03 -29.86 -12.52
N PHE B 298 -2.22 -28.84 -12.21
CA PHE B 298 -1.06 -28.97 -11.31
C PHE B 298 -1.56 -28.95 -9.86
N VAL B 299 -0.92 -29.74 -9.00
CA VAL B 299 -1.13 -29.74 -7.53
C VAL B 299 0.24 -29.79 -6.85
N PHE B 300 0.44 -28.96 -5.83
CA PHE B 300 1.65 -28.97 -4.96
C PHE B 300 1.67 -30.28 -4.18
N VAL B 301 2.80 -30.99 -4.19
CA VAL B 301 3.02 -32.25 -3.43
C VAL B 301 3.77 -31.92 -2.14
N SER B 302 4.98 -31.37 -2.27
CA SER B 302 5.88 -31.07 -1.14
C SER B 302 7.09 -30.26 -1.62
N TRP B 303 7.81 -29.65 -0.68
CA TRP B 303 9.13 -29.00 -0.91
C TRP B 303 10.19 -30.10 -1.03
N VAL B 304 11.04 -30.02 -2.06
CA VAL B 304 12.13 -30.99 -2.31
C VAL B 304 13.43 -30.21 -2.55
N SER B 305 14.54 -30.92 -2.44
CA SER B 305 15.92 -30.41 -2.67
C SER B 305 16.12 -30.15 -4.16
N ARG B 306 17.09 -29.32 -4.50
CA ARG B 306 17.47 -29.02 -5.91
C ARG B 306 17.85 -30.31 -6.64
N PHE B 307 18.36 -31.33 -5.92
CA PHE B 307 18.92 -32.57 -6.55
C PHE B 307 17.84 -33.65 -6.66
N TYR B 308 16.62 -33.42 -6.16
CA TYR B 308 15.49 -34.38 -6.30
C TYR B 308 15.36 -34.74 -7.79
N GLN B 309 15.52 -36.04 -8.10
CA GLN B 309 15.57 -36.57 -9.48
C GLN B 309 14.14 -36.91 -9.91
N LEU B 310 13.62 -36.27 -10.96
CA LEU B 310 12.23 -36.46 -11.43
C LEU B 310 12.14 -37.74 -12.28
N LYS B 311 11.01 -38.45 -12.18
CA LYS B 311 10.63 -39.53 -13.12
C LYS B 311 10.40 -38.89 -14.49
N PRO B 312 11.01 -39.39 -15.58
CA PRO B 312 10.74 -38.90 -16.93
C PRO B 312 9.24 -38.79 -17.24
N VAL B 313 8.87 -37.79 -18.05
CA VAL B 313 7.46 -37.55 -18.47
C VAL B 313 7.39 -37.62 -19.99
N GLY B 314 6.37 -38.28 -20.53
CA GLY B 314 6.09 -38.32 -21.99
C GLY B 314 6.50 -39.62 -22.65
N THR B 315 6.48 -39.64 -23.98
CA THR B 315 6.80 -40.79 -24.84
C THR B 315 8.30 -40.79 -25.17
N LYS C 12 13.74 -16.32 19.36
CA LYS C 12 13.02 -15.19 18.70
C LYS C 12 13.71 -14.84 17.38
N PRO C 13 13.05 -15.00 16.20
CA PRO C 13 13.66 -14.64 14.92
C PRO C 13 13.84 -13.11 14.85
N PHE C 14 14.90 -12.66 14.17
CA PHE C 14 15.11 -11.22 13.88
C PHE C 14 14.05 -10.74 12.88
N SER C 15 13.54 -9.52 13.06
CA SER C 15 12.63 -8.85 12.10
C SER C 15 12.79 -7.33 12.19
N VAL C 16 12.33 -6.62 11.17
CA VAL C 16 12.18 -5.15 11.17
C VAL C 16 10.69 -4.85 11.06
N PRO C 17 10.22 -3.66 11.49
CA PRO C 17 8.81 -3.30 11.36
C PRO C 17 8.29 -3.42 9.92
N ASN C 18 7.10 -4.00 9.78
CA ASN C 18 6.33 -4.08 8.52
C ASN C 18 5.48 -2.80 8.40
N LEU C 19 6.13 -1.64 8.42
CA LEU C 19 5.48 -0.30 8.43
C LEU C 19 6.10 0.56 7.35
N PRO C 20 5.28 1.28 6.55
CA PRO C 20 5.80 2.17 5.52
C PRO C 20 6.63 3.30 6.15
N LEU C 21 7.80 3.56 5.58
CA LEU C 21 8.82 4.54 6.08
C LEU C 21 8.17 5.89 6.38
N ASN C 22 7.28 6.35 5.51
CA ASN C 22 6.68 7.71 5.53
C ASN C 22 5.74 7.88 6.73
N THR C 23 5.39 6.81 7.45
CA THR C 23 4.59 6.86 8.70
C THR C 23 5.50 6.84 9.93
N LEU C 24 6.82 6.67 9.74
CA LEU C 24 7.77 6.46 10.86
C LEU C 24 8.52 7.77 11.17
N SER C 25 9.11 7.84 12.36
CA SER C 25 9.80 9.03 12.90
C SER C 25 11.30 8.90 12.69
N ASN C 26 11.95 10.03 12.43
CA ASN C 26 13.41 10.25 12.67
C ASN C 26 13.72 9.80 14.10
N SER C 27 14.94 9.32 14.34
CA SER C 27 15.38 8.88 15.69
C SER C 27 16.22 9.97 16.37
N ARG C 28 16.43 11.11 15.72
CA ARG C 28 17.21 12.24 16.30
C ARG C 28 16.30 13.45 16.57
N VAL C 29 15.27 13.66 15.74
CA VAL C 29 14.23 14.70 15.95
C VAL C 29 12.87 14.03 15.80
N PRO C 30 11.85 14.48 16.56
CA PRO C 30 10.51 13.91 16.46
C PRO C 30 9.76 14.45 15.23
N SER C 31 10.16 14.01 14.03
CA SER C 31 9.54 14.38 12.73
C SER C 31 9.44 13.13 11.85
N LEU C 32 8.42 13.06 10.99
CA LEU C 32 8.20 11.95 10.03
C LEU C 32 9.40 11.86 9.07
N ILE C 33 9.72 10.65 8.63
CA ILE C 33 10.76 10.39 7.58
C ILE C 33 10.23 10.94 6.25
N ARG C 34 11.02 11.78 5.58
CA ARG C 34 10.67 12.43 4.28
C ARG C 34 11.37 11.70 3.13
N SER C 35 12.59 11.24 3.34
CA SER C 35 13.40 10.60 2.28
C SER C 35 14.49 9.72 2.88
N MET C 36 15.13 8.93 2.02
CA MET C 36 16.41 8.24 2.26
C MET C 36 17.47 8.90 1.39
N MET C 37 18.73 8.87 1.83
CA MET C 37 19.87 9.34 1.01
C MET C 37 21.13 8.61 1.47
N VAL C 38 22.14 8.61 0.61
CA VAL C 38 23.57 8.37 0.98
C VAL C 38 24.26 9.73 0.89
N SER C 39 25.41 9.90 1.54
CA SER C 39 26.14 11.20 1.61
C SER C 39 27.61 10.99 1.26
N ARG C 40 28.08 11.63 0.18
CA ARG C 40 29.52 11.67 -0.19
C ARG C 40 30.28 12.48 0.86
N ASP C 41 29.77 13.67 1.19
CA ASP C 41 30.45 14.68 2.05
C ASP C 41 30.45 14.26 3.53
N HIS C 42 29.42 13.56 4.02
CA HIS C 42 29.22 13.29 5.48
C HIS C 42 29.19 11.79 5.81
N GLY C 43 29.17 10.90 4.80
CA GLY C 43 28.88 9.46 4.99
C GLY C 43 30.09 8.63 5.41
N GLN C 44 31.27 9.25 5.54
CA GLN C 44 32.54 8.51 5.85
C GLN C 44 32.59 8.20 7.35
N MET C 45 31.97 9.03 8.20
CA MET C 45 31.85 8.77 9.65
C MET C 45 30.72 9.61 10.25
N VAL C 46 29.86 8.96 11.05
CA VAL C 46 28.88 9.66 11.93
C VAL C 46 28.98 9.06 13.33
N GLN C 47 28.67 9.83 14.35
CA GLN C 47 28.66 9.39 15.76
C GLN C 47 27.43 9.98 16.47
N PHE C 48 26.27 9.95 15.82
CA PHE C 48 24.98 10.36 16.43
C PHE C 48 24.83 9.60 17.75
N GLN C 49 24.25 10.25 18.76
CA GLN C 49 24.04 9.67 20.11
C GLN C 49 22.57 9.23 20.28
N ASN C 50 21.66 9.75 19.46
CA ASN C 50 20.25 9.28 19.38
C ASN C 50 20.09 8.42 18.12
N GLY C 51 19.11 7.51 18.13
CA GLY C 51 18.90 6.49 17.09
C GLY C 51 19.98 5.41 17.13
N ARG C 52 20.56 5.18 18.31
CA ARG C 52 21.69 4.23 18.48
C ARG C 52 21.21 3.00 19.25
N VAL C 53 21.28 1.86 18.59
CA VAL C 53 20.68 0.58 19.07
C VAL C 53 21.39 -0.55 18.34
N THR C 54 21.59 -1.68 19.03
CA THR C 54 22.03 -2.95 18.40
C THR C 54 20.80 -3.68 17.85
N LEU C 55 21.01 -4.62 16.93
CA LEU C 55 19.91 -5.42 16.34
C LEU C 55 19.32 -6.36 17.40
N ASP C 56 20.04 -6.62 18.50
CA ASP C 56 19.53 -7.46 19.63
C ASP C 56 18.90 -6.59 20.71
N GLY C 57 18.83 -5.27 20.50
CA GLY C 57 17.93 -4.36 21.24
C GLY C 57 18.61 -3.72 22.44
N GLN C 58 19.91 -3.41 22.35
CA GLN C 58 20.63 -2.65 23.41
C GLN C 58 20.66 -1.18 22.97
N LEU C 59 19.97 -0.31 23.73
CA LEU C 59 19.98 1.17 23.55
C LEU C 59 21.39 1.67 23.86
N GLN C 60 21.89 2.62 23.07
CA GLN C 60 23.23 3.21 23.22
C GLN C 60 23.10 4.73 23.21
N GLY C 61 24.14 5.44 23.60
CA GLY C 61 24.17 6.91 23.69
C GLY C 61 23.05 7.40 24.59
N THR C 62 22.22 8.33 24.09
CA THR C 62 21.11 8.96 24.83
C THR C 62 19.77 8.46 24.26
N THR C 63 19.80 7.39 23.46
CA THR C 63 18.66 6.89 22.65
C THR C 63 17.53 6.45 23.57
N PRO C 64 16.31 7.02 23.44
CA PRO C 64 15.15 6.55 24.18
C PRO C 64 14.39 5.43 23.47
N THR C 65 13.50 4.75 24.19
CA THR C 65 12.51 3.79 23.62
C THR C 65 11.50 4.56 22.77
N SER C 66 11.02 5.70 23.25
CA SER C 66 9.87 6.45 22.70
C SER C 66 10.34 7.73 22.01
N ALA C 67 9.75 8.03 20.86
CA ALA C 67 9.91 9.30 20.10
C ALA C 67 9.52 10.48 20.99
N SER C 68 8.62 10.27 21.94
CA SER C 68 8.10 11.33 22.86
C SER C 68 9.19 11.78 23.85
N GLN C 69 10.28 11.03 23.99
CA GLN C 69 11.40 11.40 24.89
C GLN C 69 12.45 12.23 24.10
N LEU C 70 12.37 12.28 22.76
CA LEU C 70 13.42 12.88 21.90
C LEU C 70 13.44 14.40 22.02
N CYS C 71 14.64 14.97 22.15
CA CYS C 71 14.92 16.43 22.13
C CYS C 71 14.20 17.12 23.28
N LYS C 72 14.16 16.48 24.45
CA LYS C 72 13.62 17.05 25.70
C LYS C 72 14.70 17.03 26.78
N ILE C 73 14.66 18.02 27.65
CA ILE C 73 15.58 18.18 28.81
C ILE C 73 14.67 18.44 30.02
N ARG C 74 15.03 17.84 31.15
CA ARG C 74 14.33 18.05 32.44
C ARG C 74 15.38 18.37 33.49
N GLY C 75 15.07 19.31 34.37
CA GLY C 75 15.94 19.65 35.51
C GLY C 75 15.34 20.72 36.39
N SER C 76 16.12 21.12 37.39
CA SER C 76 15.75 22.12 38.42
C SER C 76 16.59 23.37 38.19
N VAL C 77 15.94 24.53 38.24
CA VAL C 77 16.61 25.83 37.99
C VAL C 77 17.62 26.08 39.10
N PHE C 78 18.84 26.50 38.72
CA PHE C 78 19.86 27.07 39.62
C PHE C 78 20.18 28.48 39.13
N HIS C 79 20.59 29.35 40.07
CA HIS C 79 21.22 30.68 39.82
C HIS C 79 22.57 30.65 40.55
N ALA C 80 23.68 30.62 39.83
CA ALA C 80 25.05 30.54 40.41
C ALA C 80 25.97 31.39 39.54
N ASN C 81 26.88 32.14 40.17
CA ASN C 81 27.98 32.88 39.52
C ASN C 81 27.43 33.72 38.36
N GLY C 82 26.24 34.30 38.51
CA GLY C 82 25.62 35.21 37.52
C GLY C 82 25.09 34.49 36.29
N GLY C 83 25.04 33.15 36.33
CA GLY C 83 24.53 32.28 35.27
C GLY C 83 23.39 31.43 35.81
N ASN C 84 22.41 31.17 34.94
CA ASN C 84 21.18 30.39 35.25
C ASN C 84 21.18 29.16 34.35
N GLY C 85 20.58 28.06 34.85
CA GLY C 85 20.55 26.79 34.12
C GLY C 85 19.76 25.74 34.86
N TYR C 86 19.98 24.48 34.47
CA TYR C 86 19.28 23.29 35.01
C TYR C 86 20.32 22.33 35.59
N ASN C 87 20.05 21.85 36.81
CA ASN C 87 20.59 20.58 37.34
C ASN C 87 19.74 19.48 36.73
N LEU C 88 20.34 18.69 35.82
CA LEU C 88 19.59 17.78 34.93
C LEU C 88 19.13 16.55 35.72
N THR C 89 17.96 16.04 35.36
CA THR C 89 17.48 14.69 35.73
C THR C 89 17.11 13.96 34.44
N GLU C 90 16.71 12.69 34.55
CA GLU C 90 16.03 11.98 33.46
C GLU C 90 14.65 12.63 33.27
N LEU C 91 14.03 12.39 32.12
CA LEU C 91 12.74 13.02 31.74
C LEU C 91 11.62 12.59 32.69
N ASP C 92 11.73 11.41 33.32
CA ASP C 92 10.71 10.89 34.28
C ASP C 92 10.97 11.45 35.69
N GLY C 93 11.99 12.31 35.87
CA GLY C 93 12.30 12.96 37.15
C GLY C 93 13.33 12.20 37.97
N SER C 94 13.62 10.94 37.63
CA SER C 94 14.63 10.10 38.33
C SER C 94 16.03 10.64 38.07
N PRO C 95 17.03 10.35 38.93
CA PRO C 95 18.36 10.97 38.82
C PRO C 95 19.12 10.58 37.54
N TYR C 96 19.91 11.51 37.00
CA TYR C 96 20.80 11.29 35.83
C TYR C 96 22.09 10.63 36.33
N HIS C 97 22.41 9.43 35.83
CA HIS C 97 23.65 8.69 36.18
C HIS C 97 24.70 8.84 35.06
N ALA C 98 25.79 9.56 35.36
CA ALA C 98 26.85 10.01 34.41
C ALA C 98 27.60 8.81 33.82
N PHE C 99 27.67 7.69 34.54
CA PHE C 99 28.40 6.47 34.10
C PHE C 99 27.60 5.73 33.04
N GLU C 100 26.28 6.00 32.93
CA GLU C 100 25.33 5.24 32.06
C GLU C 100 25.31 5.83 30.64
N SER C 101 25.36 7.16 30.50
CA SER C 101 25.23 7.86 29.21
C SER C 101 25.92 9.22 29.24
N PRO C 102 26.22 9.84 28.08
CA PRO C 102 26.85 11.16 28.04
C PRO C 102 25.92 12.34 28.37
N ALA C 103 24.62 12.07 28.49
CA ALA C 103 23.59 13.02 28.94
C ALA C 103 22.34 12.22 29.30
N PRO C 104 21.31 12.85 29.92
CA PRO C 104 20.06 12.15 30.18
C PRO C 104 19.47 11.59 28.88
N ILE C 105 18.67 10.55 28.99
CA ILE C 105 18.02 9.90 27.81
C ILE C 105 17.16 10.95 27.09
N GLY C 106 17.24 10.98 25.76
CA GLY C 106 16.44 11.87 24.89
C GLY C 106 17.08 13.23 24.70
N PHE C 107 18.18 13.52 25.38
CA PHE C 107 18.93 14.80 25.27
C PHE C 107 19.25 15.03 23.80
N PRO C 108 19.01 16.25 23.25
CA PRO C 108 19.25 16.50 21.84
C PRO C 108 20.72 16.24 21.48
N ASP C 109 20.99 15.71 20.28
CA ASP C 109 22.38 15.49 19.80
C ASP C 109 22.66 16.36 18.57
N LEU C 110 22.00 17.52 18.46
CA LEU C 110 22.31 18.53 17.40
C LEU C 110 23.44 19.42 17.93
N GLY C 111 24.68 19.12 17.56
CA GLY C 111 25.87 19.83 18.08
C GLY C 111 26.02 21.22 17.50
N GLU C 112 26.71 22.09 18.24
CA GLU C 112 27.28 23.38 17.78
C GLU C 112 26.19 24.24 17.12
N CYS C 113 25.10 24.47 17.84
CA CYS C 113 24.01 25.40 17.47
C CYS C 113 23.27 25.82 18.74
N ASP C 114 22.47 26.88 18.65
CA ASP C 114 21.58 27.34 19.74
C ASP C 114 20.31 26.49 19.73
N TRP C 115 19.89 26.02 20.91
CA TRP C 115 18.64 25.26 21.12
C TRP C 115 17.58 26.20 21.69
N HIS C 116 16.62 26.61 20.87
CA HIS C 116 15.44 27.41 21.28
C HIS C 116 14.37 26.42 21.75
N MET C 117 14.09 26.45 23.05
CA MET C 117 13.25 25.43 23.72
C MET C 117 12.14 26.14 24.50
N GLU C 118 11.00 25.48 24.62
CA GLU C 118 9.89 25.92 25.51
C GLU C 118 9.95 25.09 26.79
N ALA C 119 10.14 25.76 27.93
CA ALA C 119 10.25 25.18 29.28
C ALA C 119 8.96 25.46 30.04
N SER C 120 8.36 24.43 30.62
CA SER C 120 7.13 24.52 31.43
C SER C 120 7.36 23.79 32.76
N PRO C 121 6.70 24.24 33.84
CA PRO C 121 6.80 23.56 35.14
C PRO C 121 6.26 22.13 35.05
N THR C 122 6.83 21.22 35.84
CA THR C 122 6.42 19.80 35.96
C THR C 122 5.36 19.66 37.07
N THR C 123 4.97 20.78 37.68
CA THR C 123 3.83 20.88 38.65
C THR C 123 2.74 21.73 37.99
N GLN C 124 1.47 21.44 38.31
CA GLN C 124 0.28 22.14 37.75
C GLN C 124 0.48 23.66 37.87
N PHE C 125 0.07 24.41 36.86
CA PHE C 125 0.14 25.89 36.83
C PHE C 125 -1.19 26.44 36.30
N ASP C 126 -1.43 27.74 36.53
CA ASP C 126 -2.74 28.42 36.34
C ASP C 126 -2.73 29.29 35.08
N THR C 127 -1.58 29.83 34.70
CA THR C 127 -1.41 30.74 33.54
C THR C 127 -0.14 30.37 32.77
N GLY C 128 -0.03 30.82 31.51
CA GLY C 128 1.13 30.61 30.63
C GLY C 128 2.32 31.48 30.97
N ASP C 129 2.21 32.37 31.95
CA ASP C 129 3.31 33.28 32.39
C ASP C 129 4.47 32.47 32.98
N VAL C 130 4.22 31.24 33.45
CA VAL C 130 5.27 30.34 34.05
C VAL C 130 5.98 29.56 32.95
N ILE C 131 5.50 29.64 31.71
CA ILE C 131 6.12 29.01 30.52
C ILE C 131 7.17 29.97 29.97
N LYS C 132 8.40 29.48 29.79
CA LYS C 132 9.57 30.29 29.40
C LYS C 132 10.12 29.80 28.06
N GLN C 133 10.41 30.75 27.17
CA GLN C 133 11.21 30.53 25.93
C GLN C 133 12.67 30.65 26.35
N ILE C 134 13.40 29.54 26.31
CA ILE C 134 14.82 29.49 26.76
C ILE C 134 15.71 29.25 25.54
N ASN C 135 16.98 29.66 25.64
CA ASN C 135 18.03 29.42 24.63
C ASN C 135 19.18 28.69 25.33
N VAL C 136 19.44 27.45 24.90
CA VAL C 136 20.60 26.66 25.40
C VAL C 136 21.71 26.79 24.35
N LYS C 137 22.81 27.44 24.71
CA LYS C 137 24.03 27.61 23.88
C LYS C 137 25.04 26.54 24.26
N GLN C 138 25.83 26.09 23.29
CA GLN C 138 26.91 25.07 23.50
C GLN C 138 28.23 25.83 23.68
N GLU C 139 28.39 26.43 24.86
CA GLU C 139 29.54 27.26 25.27
C GLU C 139 30.13 26.62 26.53
N ALA C 140 30.90 27.39 27.29
CA ALA C 140 31.80 26.89 28.37
C ALA C 140 30.99 26.13 29.44
N ALA C 141 29.78 26.59 29.75
CA ALA C 141 28.96 26.08 30.86
C ALA C 141 27.96 25.02 30.37
N PHE C 142 28.08 24.57 29.12
CA PHE C 142 27.32 23.43 28.55
C PHE C 142 28.07 22.14 28.94
N ALA C 143 27.59 21.46 29.98
CA ALA C 143 28.28 20.30 30.59
C ALA C 143 27.25 19.25 30.96
N PRO C 144 26.47 18.72 29.98
CA PRO C 144 25.42 17.76 30.28
C PRO C 144 25.94 16.48 30.96
N HIS C 145 27.15 16.05 30.61
CA HIS C 145 27.76 14.83 31.20
C HIS C 145 28.01 15.04 32.71
N LEU C 146 28.31 16.26 33.12
CA LEU C 146 28.47 16.64 34.56
C LEU C 146 27.09 16.93 35.18
N GLY C 147 26.04 17.01 34.37
CA GLY C 147 24.64 17.15 34.83
C GLY C 147 24.19 18.60 34.91
N THR C 148 24.86 19.52 34.23
CA THR C 148 24.52 20.97 34.26
C THR C 148 24.59 21.58 32.86
N ILE C 149 23.60 22.39 32.51
CA ILE C 149 23.64 23.29 31.32
C ILE C 149 23.17 24.68 31.74
N GLN C 150 23.72 25.71 31.11
CA GLN C 150 23.24 27.11 31.20
C GLN C 150 22.14 27.29 30.16
N ALA C 151 21.22 28.20 30.44
CA ALA C 151 20.17 28.63 29.48
C ALA C 151 19.84 30.11 29.74
N ASP C 152 19.69 30.89 28.66
CA ASP C 152 19.04 32.23 28.72
C ASP C 152 17.53 32.00 28.91
N GLY C 153 16.86 32.95 29.56
CA GLY C 153 15.40 32.96 29.75
C GLY C 153 14.97 32.41 31.10
N LEU C 154 15.89 32.16 32.04
CA LEU C 154 15.57 31.54 33.35
C LEU C 154 15.85 32.51 34.52
N SER C 155 16.27 33.76 34.24
CA SER C 155 16.65 34.71 35.32
C SER C 155 15.46 35.04 36.22
N ASP C 156 14.21 34.95 35.72
CA ASP C 156 12.99 35.29 36.49
C ASP C 156 12.32 34.05 37.09
N VAL C 157 12.94 32.87 36.97
CA VAL C 157 12.37 31.60 37.50
C VAL C 157 13.04 31.28 38.85
N SER C 158 12.23 31.06 39.87
CA SER C 158 12.66 30.71 41.25
C SER C 158 13.59 29.50 41.23
N VAL C 159 14.65 29.55 42.04
CA VAL C 159 15.62 28.44 42.25
C VAL C 159 14.82 27.18 42.60
N ASN C 160 15.24 26.04 42.04
CA ASN C 160 14.70 24.68 42.30
C ASN C 160 13.31 24.50 41.66
N THR C 161 12.88 25.40 40.78
CA THR C 161 11.71 25.17 39.91
C THR C 161 12.05 23.99 38.99
N ASN C 162 11.28 22.92 39.07
CA ASN C 162 11.46 21.72 38.21
C ASN C 162 10.72 21.98 36.89
N MET C 163 11.40 21.83 35.76
CA MET C 163 10.85 22.17 34.42
C MET C 163 11.21 21.08 33.39
N ILE C 164 10.35 20.90 32.39
CA ILE C 164 10.65 20.15 31.14
C ILE C 164 10.75 21.18 30.00
N ALA C 165 11.84 21.13 29.25
CA ALA C 165 12.12 21.98 28.08
C ALA C 165 12.06 21.11 26.83
N LYS C 166 11.30 21.55 25.83
CA LYS C 166 11.09 20.83 24.54
C LYS C 166 11.70 21.66 23.41
N LEU C 167 12.56 21.03 22.61
CA LEU C 167 13.26 21.70 21.48
C LEU C 167 12.20 22.16 20.46
N GLY C 168 12.14 23.47 20.20
CA GLY C 168 11.26 24.06 19.18
C GLY C 168 11.98 24.20 17.85
N TRP C 169 13.14 24.87 17.86
CA TRP C 169 13.94 25.20 16.66
C TRP C 169 15.40 25.41 17.07
N VAL C 170 16.31 25.32 16.10
CA VAL C 170 17.76 25.58 16.31
C VAL C 170 18.23 26.64 15.32
N SER C 171 19.29 27.35 15.68
CA SER C 171 19.88 28.48 14.90
C SER C 171 21.38 28.48 15.08
N PRO C 172 22.15 29.21 14.23
CA PRO C 172 23.61 29.18 14.31
C PRO C 172 24.11 29.62 15.70
N ALA C 173 25.23 29.04 16.14
CA ALA C 173 25.88 29.29 17.45
C ALA C 173 25.95 30.80 17.70
N SER C 174 25.50 31.25 18.88
CA SER C 174 25.51 32.67 19.30
C SER C 174 26.94 33.23 19.26
N ASP C 175 27.97 32.42 19.52
CA ASP C 175 29.38 32.89 19.61
C ASP C 175 29.98 33.08 18.20
N GLY C 176 29.23 32.71 17.15
CA GLY C 176 29.57 33.04 15.75
C GLY C 176 30.64 32.12 15.16
N HIS C 177 31.04 31.05 15.85
CA HIS C 177 32.15 30.16 15.43
C HIS C 177 31.74 29.31 14.21
N ARG C 178 30.44 29.25 13.92
CA ARG C 178 29.85 28.52 12.77
C ARG C 178 28.77 29.41 12.16
N GLY C 179 28.71 29.52 10.82
CA GLY C 179 27.77 30.40 10.12
C GLY C 179 26.42 29.75 9.88
N ASN C 180 26.37 28.42 9.87
CA ASN C 180 25.13 27.64 9.61
C ASN C 180 24.95 26.60 10.72
N VAL C 181 23.78 25.95 10.77
CA VAL C 181 23.53 24.76 11.62
C VAL C 181 23.87 23.53 10.78
N ASP C 182 24.86 22.76 11.23
CA ASP C 182 25.31 21.50 10.58
C ASP C 182 24.70 20.34 11.35
N PRO C 183 23.69 19.66 10.77
CA PRO C 183 22.97 18.60 11.48
C PRO C 183 23.71 17.26 11.52
N TRP C 184 24.95 17.21 11.01
CA TRP C 184 25.84 16.01 11.02
C TRP C 184 26.74 16.03 12.26
N VAL C 185 26.81 17.17 12.96
CA VAL C 185 27.72 17.41 14.12
C VAL C 185 26.99 17.09 15.42
N ILE C 186 27.66 16.38 16.34
CA ILE C 186 27.12 16.07 17.70
C ILE C 186 27.69 17.06 18.71
N PRO C 187 27.06 17.21 19.89
CA PRO C 187 27.61 18.03 20.96
C PRO C 187 28.92 17.49 21.52
N ARG C 188 29.70 18.36 22.15
CA ARG C 188 30.77 18.04 23.11
C ARG C 188 30.09 18.01 24.49
N TYR C 189 29.91 16.82 25.02
CA TYR C 189 29.19 16.57 26.22
C TYR C 189 29.92 16.82 27.53
N GLY C 190 31.24 16.74 27.47
CA GLY C 190 32.11 16.97 28.60
C GLY C 190 33.56 17.16 28.20
N SER C 191 34.42 17.47 29.14
CA SER C 191 35.80 17.74 28.78
C SER C 191 36.90 16.83 29.28
N THR C 192 36.56 15.68 29.80
CA THR C 192 37.57 14.75 30.30
C THR C 192 38.22 13.90 29.17
N LEU C 193 39.14 13.02 29.56
CA LEU C 193 39.84 12.09 28.62
C LEU C 193 38.87 10.98 28.19
N THR C 194 38.01 10.52 29.11
CA THR C 194 37.21 9.27 28.98
C THR C 194 35.75 9.59 28.63
N GLU C 195 35.48 10.48 27.66
CA GLU C 195 34.08 10.73 27.21
C GLU C 195 33.58 9.58 26.32
N ALA C 196 34.36 9.11 25.36
CA ALA C 196 34.04 7.92 24.52
C ALA C 196 33.37 6.81 25.32
N ALA C 197 33.84 6.53 26.51
CA ALA C 197 33.28 5.40 27.30
C ALA C 197 31.76 5.46 27.39
N GLN C 198 31.17 6.65 27.32
CA GLN C 198 29.70 6.74 27.32
C GLN C 198 29.19 7.07 25.91
N LEU C 199 30.03 7.62 25.03
CA LEU C 199 29.48 7.93 23.68
C LEU C 199 29.23 6.61 22.94
N ALA C 200 28.07 6.50 22.28
CA ALA C 200 27.83 5.49 21.24
C ALA C 200 28.97 5.63 20.23
N PRO C 201 29.61 4.52 19.81
CA PRO C 201 30.83 4.62 19.00
C PRO C 201 30.61 5.17 17.60
N PRO C 202 31.69 5.59 16.89
CA PRO C 202 31.59 6.03 15.51
C PRO C 202 31.02 4.91 14.62
N ILE C 203 30.30 5.28 13.57
CA ILE C 203 29.79 4.36 12.50
C ILE C 203 30.58 4.66 11.23
N TYR C 204 31.15 3.62 10.62
CA TYR C 204 31.91 3.69 9.35
C TYR C 204 31.17 2.90 8.29
N PRO C 205 31.23 3.32 7.00
CA PRO C 205 30.82 2.46 5.89
C PRO C 205 31.76 1.25 5.88
N PRO C 206 31.23 0.01 5.73
CA PRO C 206 32.05 -1.19 5.94
C PRO C 206 32.88 -1.72 4.76
N GLY C 207 32.83 -1.06 3.59
CA GLY C 207 33.59 -1.42 2.38
C GLY C 207 32.67 -1.97 1.30
N PHE C 208 33.28 -2.45 0.20
CA PHE C 208 32.63 -3.21 -0.90
C PHE C 208 31.52 -2.38 -1.56
N GLY C 209 31.82 -1.10 -1.75
CA GLY C 209 30.93 -0.13 -2.41
C GLY C 209 29.73 0.26 -1.55
N GLU C 210 29.70 -0.13 -0.27
CA GLU C 210 28.51 0.11 0.60
C GLU C 210 28.58 1.52 1.18
N ALA C 211 27.46 2.23 1.16
CA ALA C 211 27.29 3.57 1.75
C ALA C 211 26.19 3.50 2.81
N ILE C 212 26.39 4.23 3.91
CA ILE C 212 25.41 4.32 5.03
C ILE C 212 24.13 4.98 4.49
N VAL C 213 22.98 4.40 4.80
CA VAL C 213 21.65 4.98 4.47
C VAL C 213 21.25 5.91 5.61
N PHE C 214 20.94 7.16 5.28
CA PHE C 214 20.42 8.18 6.22
C PHE C 214 18.94 8.39 5.93
N PHE C 215 18.13 8.37 6.99
CA PHE C 215 16.69 8.69 6.98
C PHE C 215 16.54 10.17 7.32
N MET C 216 16.03 10.96 6.38
CA MET C 216 16.01 12.43 6.46
C MET C 216 14.61 12.89 6.90
N SER C 217 14.57 13.80 7.87
CA SER C 217 13.33 14.47 8.33
C SER C 217 13.55 15.98 8.35
N ASP C 218 12.48 16.74 8.15
CA ASP C 218 12.51 18.22 8.33
C ASP C 218 12.31 18.53 9.81
N PHE C 219 13.08 19.51 10.29
CA PHE C 219 12.98 20.11 11.65
C PHE C 219 13.14 21.62 11.49
N PRO C 220 12.54 22.46 12.37
CA PRO C 220 12.68 23.91 12.24
C PRO C 220 14.13 24.35 12.53
N ILE C 221 14.87 24.61 11.46
CA ILE C 221 16.30 25.03 11.50
C ILE C 221 16.44 26.37 10.79
N ALA C 222 16.89 27.40 11.50
CA ALA C 222 17.32 28.69 10.92
C ALA C 222 18.73 28.49 10.35
N HIS C 223 18.92 28.75 9.06
CA HIS C 223 20.23 28.74 8.37
C HIS C 223 20.86 27.35 8.48
N GLY C 224 20.13 26.30 8.10
CA GLY C 224 20.63 24.92 8.08
C GLY C 224 21.56 24.68 6.91
N ALA C 225 22.66 23.96 7.12
CA ALA C 225 23.62 23.52 6.07
C ALA C 225 22.84 22.82 4.94
N ASN C 226 21.83 22.02 5.30
CA ASN C 226 20.95 21.30 4.36
C ASN C 226 19.50 21.74 4.59
N GLY C 227 19.29 23.05 4.79
CA GLY C 227 17.97 23.62 5.11
C GLY C 227 17.38 22.97 6.36
N LEU C 228 16.21 22.36 6.24
CA LEU C 228 15.43 21.79 7.37
C LEU C 228 15.85 20.34 7.65
N SER C 229 16.67 19.73 6.79
CA SER C 229 16.89 18.25 6.76
C SER C 229 17.86 17.86 7.87
N VAL C 230 17.49 16.82 8.62
CA VAL C 230 18.29 16.20 9.71
C VAL C 230 18.40 14.71 9.37
N PRO C 231 19.63 14.16 9.25
CA PRO C 231 19.81 12.72 9.05
C PRO C 231 19.78 11.93 10.37
N CYS C 232 19.33 10.68 10.30
CA CYS C 232 19.52 9.66 11.35
C CYS C 232 19.82 8.32 10.67
N THR C 233 20.27 7.33 11.42
CA THR C 233 20.78 6.05 10.87
C THR C 233 19.68 4.99 10.90
N ILE C 234 18.57 5.21 11.59
CA ILE C 234 17.47 4.21 11.71
C ILE C 234 16.20 4.89 12.20
N PRO C 235 15.00 4.53 11.68
CA PRO C 235 13.75 5.11 12.18
C PRO C 235 13.53 4.76 13.66
N GLN C 236 12.92 5.68 14.42
CA GLN C 236 12.69 5.51 15.88
C GLN C 236 11.93 4.19 16.12
N GLU C 237 10.96 3.88 15.27
CA GLU C 237 10.06 2.72 15.47
C GLU C 237 10.87 1.43 15.27
N PHE C 238 11.96 1.48 14.50
CA PHE C 238 12.93 0.35 14.37
C PHE C 238 13.66 0.18 15.69
N VAL C 239 14.10 1.27 16.32
CA VAL C 239 14.77 1.23 17.66
C VAL C 239 13.85 0.46 18.63
N THR C 240 12.59 0.90 18.75
CA THR C 240 11.60 0.35 19.70
C THR C 240 11.40 -1.15 19.40
N HIS C 241 11.31 -1.50 18.13
CA HIS C 241 11.07 -2.88 17.65
C HIS C 241 12.22 -3.78 18.13
N PHE C 242 13.49 -3.35 17.97
CA PHE C 242 14.67 -4.16 18.37
C PHE C 242 14.67 -4.32 19.89
N VAL C 243 14.41 -3.25 20.64
CA VAL C 243 14.35 -3.30 22.13
C VAL C 243 13.26 -4.29 22.54
N ASN C 244 12.10 -4.26 21.87
CA ASN C 244 10.95 -5.14 22.17
C ASN C 244 11.32 -6.61 21.89
N GLU C 245 11.87 -6.90 20.71
CA GLU C 245 12.08 -8.30 20.21
C GLU C 245 13.26 -8.96 20.94
N GLN C 246 14.36 -8.24 21.16
CA GLN C 246 15.62 -8.79 21.74
C GLN C 246 16.03 -10.05 20.97
N ALA C 247 15.95 -10.01 19.64
CA ALA C 247 16.35 -11.14 18.77
C ALA C 247 17.86 -11.28 18.76
N PRO C 248 18.43 -12.44 19.12
CA PRO C 248 19.88 -12.64 19.01
C PRO C 248 20.36 -12.38 17.57
N THR C 249 21.51 -11.73 17.44
CA THR C 249 22.21 -11.50 16.15
C THR C 249 22.93 -12.78 15.75
N ARG C 250 22.57 -13.37 14.61
CA ARG C 250 23.01 -14.73 14.18
C ARG C 250 23.85 -14.65 12.90
N GLY C 251 24.34 -13.47 12.54
CA GLY C 251 25.16 -13.27 11.33
C GLY C 251 25.82 -11.90 11.32
N GLU C 252 26.66 -11.64 10.33
CA GLU C 252 27.47 -10.40 10.24
C GLU C 252 26.60 -9.24 9.75
N ALA C 253 25.51 -9.54 9.04
CA ALA C 253 24.57 -8.53 8.51
C ALA C 253 23.22 -9.17 8.23
N ALA C 254 22.14 -8.41 8.42
CA ALA C 254 20.76 -8.78 8.06
C ALA C 254 20.45 -8.22 6.68
N LEU C 255 20.29 -9.10 5.69
CA LEU C 255 19.82 -8.72 4.33
C LEU C 255 18.35 -8.32 4.44
N LEU C 256 18.03 -7.12 3.96
CA LEU C 256 16.64 -6.62 3.86
C LEU C 256 16.30 -6.43 2.38
N HIS C 257 15.02 -6.62 2.03
CA HIS C 257 14.41 -6.05 0.81
C HIS C 257 13.59 -4.83 1.22
N TYR C 258 13.63 -3.78 0.40
CA TYR C 258 12.69 -2.65 0.43
C TYR C 258 11.60 -2.94 -0.61
N LEU C 259 10.38 -3.22 -0.13
CA LEU C 259 9.25 -3.69 -0.96
C LEU C 259 8.30 -2.51 -1.23
N ASP C 260 7.74 -2.47 -2.43
CA ASP C 260 6.53 -1.67 -2.72
C ASP C 260 5.34 -2.55 -2.40
N PRO C 261 4.59 -2.24 -1.31
CA PRO C 261 3.44 -3.08 -0.92
C PRO C 261 2.25 -2.94 -1.88
N ASP C 262 2.24 -1.88 -2.70
CA ASP C 262 1.11 -1.51 -3.60
C ASP C 262 1.27 -2.22 -4.95
N THR C 263 2.50 -2.33 -5.45
CA THR C 263 2.85 -2.96 -6.76
C THR C 263 3.37 -4.39 -6.57
N HIS C 264 3.77 -4.76 -5.34
CA HIS C 264 4.31 -6.09 -4.99
C HIS C 264 5.67 -6.31 -5.68
N ARG C 265 6.45 -5.24 -5.82
CA ARG C 265 7.80 -5.29 -6.44
C ARG C 265 8.88 -5.08 -5.37
N ASN C 266 9.99 -5.82 -5.48
CA ASN C 266 11.24 -5.62 -4.70
C ASN C 266 12.00 -4.46 -5.32
N LEU C 267 12.20 -3.36 -4.58
CA LEU C 267 12.81 -2.09 -5.10
C LEU C 267 14.31 -2.02 -4.82
N GLY C 268 14.85 -2.89 -3.96
CA GLY C 268 16.31 -2.90 -3.70
C GLY C 268 16.70 -3.67 -2.45
N GLU C 269 17.95 -4.10 -2.37
CA GLU C 269 18.48 -4.87 -1.22
C GLU C 269 19.35 -3.95 -0.36
N PHE C 270 19.27 -4.14 0.94
CA PHE C 270 19.99 -3.37 1.98
C PHE C 270 20.61 -4.35 2.98
N LYS C 271 21.70 -3.93 3.63
CA LYS C 271 22.31 -4.70 4.74
C LYS C 271 22.21 -3.85 6.01
N LEU C 272 21.61 -4.44 7.04
CA LEU C 272 21.47 -3.88 8.40
C LEU C 272 22.48 -4.59 9.30
N TYR C 273 23.46 -3.84 9.84
CA TYR C 273 24.62 -4.37 10.59
C TYR C 273 24.27 -4.45 12.07
N PRO C 274 24.94 -5.34 12.85
CA PRO C 274 24.67 -5.48 14.29
C PRO C 274 24.67 -4.15 15.05
N GLU C 275 25.46 -3.18 14.59
CA GLU C 275 25.64 -1.85 15.25
C GLU C 275 24.40 -0.95 14.99
N GLY C 276 23.45 -1.41 14.18
CA GLY C 276 22.11 -0.79 14.06
C GLY C 276 21.99 0.22 12.94
N PHE C 277 22.98 0.27 12.04
CA PHE C 277 22.97 1.13 10.84
C PHE C 277 22.78 0.24 9.61
N MET C 278 22.31 0.86 8.54
CA MET C 278 21.89 0.21 7.27
C MET C 278 22.79 0.73 6.14
N THR C 279 23.10 -0.13 5.17
CA THR C 279 23.86 0.25 3.95
C THR C 279 23.10 -0.22 2.71
N CYS C 280 23.42 0.42 1.59
CA CYS C 280 23.10 -0.04 0.22
C CYS C 280 24.36 0.16 -0.64
N VAL C 281 24.36 -0.38 -1.86
CA VAL C 281 25.38 -0.02 -2.90
C VAL C 281 24.70 0.95 -3.86
N PRO C 282 25.02 2.26 -3.80
CA PRO C 282 24.46 3.19 -4.75
C PRO C 282 24.95 2.94 -6.19
N ASN C 283 24.08 3.18 -7.15
CA ASN C 283 24.52 3.12 -8.56
C ASN C 283 25.60 4.18 -8.78
N SER C 284 26.44 4.00 -9.78
CA SER C 284 27.47 5.01 -10.11
C SER C 284 26.81 6.39 -10.20
N SER C 285 27.52 7.48 -9.88
CA SER C 285 26.93 8.83 -9.80
C SER C 285 26.29 9.04 -8.44
N GLY C 286 26.13 7.96 -7.66
CA GLY C 286 25.68 8.08 -6.26
C GLY C 286 24.36 8.64 -5.78
N THR C 287 23.30 8.60 -6.58
CA THR C 287 21.96 9.01 -6.09
C THR C 287 21.44 7.95 -5.13
N GLY C 288 21.71 6.69 -5.43
CA GLY C 288 21.23 5.56 -4.64
C GLY C 288 19.77 5.58 -4.20
N PRO C 289 19.43 5.50 -2.88
CA PRO C 289 18.05 5.27 -2.45
C PRO C 289 17.17 6.54 -2.47
N GLN C 290 17.74 7.69 -2.82
CA GLN C 290 17.03 9.00 -2.79
C GLN C 290 15.86 9.02 -3.78
N THR C 291 15.95 8.29 -4.90
CA THR C 291 14.88 8.24 -5.94
C THR C 291 13.80 7.21 -5.58
N LEU C 292 14.05 6.33 -4.61
CA LEU C 292 13.06 5.30 -4.18
C LEU C 292 11.87 6.00 -3.53
N PRO C 293 10.65 5.44 -3.68
CA PRO C 293 9.47 5.99 -3.02
C PRO C 293 9.60 5.75 -1.51
N ILE C 294 8.99 6.63 -0.73
CA ILE C 294 9.19 6.68 0.75
C ILE C 294 8.05 5.93 1.44
N ASN C 295 7.13 5.30 0.69
CA ASN C 295 5.99 4.54 1.28
C ASN C 295 6.24 3.03 1.18
N GLY C 296 7.48 2.62 0.89
CA GLY C 296 7.86 1.19 0.88
C GLY C 296 8.09 0.66 2.29
N VAL C 297 8.25 -0.65 2.42
CA VAL C 297 8.47 -1.35 3.72
C VAL C 297 9.73 -2.21 3.59
N PHE C 298 10.56 -2.20 4.61
CA PHE C 298 11.70 -3.14 4.76
C PHE C 298 11.16 -4.48 5.29
N VAL C 299 11.73 -5.57 4.81
CA VAL C 299 11.47 -6.95 5.32
C VAL C 299 12.81 -7.67 5.45
N PHE C 300 13.02 -8.35 6.58
CA PHE C 300 14.20 -9.22 6.83
C PHE C 300 14.11 -10.40 5.87
N VAL C 301 15.20 -10.70 5.16
CA VAL C 301 15.31 -11.86 4.23
C VAL C 301 16.06 -12.97 4.95
N SER C 302 17.31 -12.72 5.35
CA SER C 302 18.20 -13.73 5.97
C SER C 302 19.45 -13.06 6.52
N TRP C 303 20.17 -13.78 7.39
CA TRP C 303 21.55 -13.43 7.85
C TRP C 303 22.53 -13.74 6.72
N VAL C 304 23.42 -12.79 6.43
CA VAL C 304 24.46 -12.92 5.36
C VAL C 304 25.79 -12.50 5.96
N SER C 305 26.88 -12.90 5.30
CA SER C 305 28.28 -12.55 5.64
C SER C 305 28.51 -11.07 5.32
N ARG C 306 29.53 -10.46 5.92
CA ARG C 306 29.90 -9.04 5.65
C ARG C 306 30.25 -8.87 4.16
N PHE C 307 30.72 -9.93 3.49
CA PHE C 307 31.18 -9.96 2.08
C PHE C 307 30.02 -10.12 1.08
N TYR C 308 28.80 -10.41 1.54
CA TYR C 308 27.61 -10.52 0.65
C TYR C 308 27.50 -9.23 -0.16
N GLN C 309 27.58 -9.34 -1.49
CA GLN C 309 27.61 -8.17 -2.40
C GLN C 309 26.19 -7.81 -2.79
N LEU C 310 25.76 -6.58 -2.49
CA LEU C 310 24.37 -6.09 -2.75
C LEU C 310 24.24 -5.69 -4.22
N LYS C 311 23.06 -5.91 -4.80
CA LYS C 311 22.64 -5.32 -6.10
C LYS C 311 22.58 -3.80 -5.94
N PRO C 312 23.25 -3.01 -6.82
CA PRO C 312 23.14 -1.55 -6.78
C PRO C 312 21.69 -1.06 -6.76
N VAL C 313 21.44 0.07 -6.09
CA VAL C 313 20.09 0.68 -5.95
C VAL C 313 20.14 2.09 -6.55
N GLY C 314 19.11 2.46 -7.31
CA GLY C 314 18.96 3.81 -7.91
C GLY C 314 19.29 3.80 -9.40
N LYS D 12 -0.66 -15.83 12.89
CA LYS D 12 0.25 -14.96 13.68
C LYS D 12 -0.34 -14.74 15.08
N PRO D 13 0.32 -15.22 16.16
CA PRO D 13 -0.24 -15.09 17.50
C PRO D 13 -0.28 -13.61 17.93
N PHE D 14 -1.30 -13.24 18.69
CA PHE D 14 -1.45 -11.88 19.26
C PHE D 14 -0.40 -11.69 20.36
N SER D 15 0.13 -10.48 20.45
CA SER D 15 1.04 -10.07 21.56
C SER D 15 0.87 -8.58 21.84
N VAL D 16 1.32 -8.15 23.02
CA VAL D 16 1.49 -6.72 23.40
C VAL D 16 2.97 -6.49 23.59
N PRO D 17 3.46 -5.23 23.48
CA PRO D 17 4.88 -4.93 23.68
C PRO D 17 5.40 -5.46 25.02
N ASN D 18 6.59 -6.07 24.98
CA ASN D 18 7.36 -6.47 26.18
C ASN D 18 8.24 -5.28 26.58
N LEU D 19 7.61 -4.13 26.88
CA LEU D 19 8.28 -2.86 27.23
C LEU D 19 7.67 -2.31 28.50
N PRO D 20 8.49 -1.83 29.47
CA PRO D 20 7.96 -1.24 30.69
C PRO D 20 7.15 0.04 30.38
N LEU D 21 5.97 0.16 31.01
CA LEU D 21 4.98 1.25 30.77
C LEU D 21 5.65 2.62 30.83
N ASN D 22 6.53 2.81 31.81
CA ASN D 22 7.15 4.13 32.15
C ASN D 22 8.12 4.59 31.05
N THR D 23 8.44 3.74 30.07
CA THR D 23 9.28 4.10 28.90
C THR D 23 8.40 4.40 27.68
N LEU D 24 7.08 4.20 27.81
CA LEU D 24 6.13 4.33 26.66
C LEU D 24 5.42 5.68 26.71
N SER D 25 4.86 6.09 25.57
CA SER D 25 4.20 7.40 25.35
C SER D 25 2.69 7.25 25.53
N ASN D 26 2.07 8.29 26.07
CA ASN D 26 0.63 8.59 25.89
C ASN D 26 0.30 8.54 24.39
N SER D 27 -0.91 8.18 24.03
CA SER D 27 -1.35 8.11 22.61
C SER D 27 -2.18 9.35 22.24
N ARG D 28 -2.38 10.29 23.17
CA ARG D 28 -3.11 11.56 22.89
C ARG D 28 -2.15 12.76 22.95
N VAL D 29 -1.13 12.72 23.81
CA VAL D 29 -0.06 13.75 23.90
C VAL D 29 1.29 13.05 23.88
N PRO D 30 2.33 13.63 23.23
CA PRO D 30 3.65 13.02 23.20
C PRO D 30 4.40 13.24 24.53
N SER D 31 4.00 12.49 25.57
CA SER D 31 4.61 12.49 26.92
C SER D 31 4.67 11.04 27.45
N LEU D 32 5.66 10.73 28.27
CA LEU D 32 5.84 9.40 28.91
C LEU D 32 4.61 9.09 29.80
N ILE D 33 4.25 7.82 29.91
CA ILE D 33 3.19 7.33 30.85
C ILE D 33 3.72 7.50 32.27
N ARG D 34 2.96 8.16 33.14
CA ARG D 34 3.32 8.44 34.56
C ARG D 34 2.59 7.45 35.50
N SER D 35 1.35 7.10 35.18
CA SER D 35 0.51 6.22 36.03
C SER D 35 -0.60 5.57 35.21
N MET D 36 -1.24 4.57 35.82
CA MET D 36 -2.54 4.00 35.39
C MET D 36 -3.59 4.39 36.42
N MET D 37 -4.83 4.52 35.99
CA MET D 37 -5.96 4.79 36.91
C MET D 37 -7.24 4.26 36.29
N VAL D 38 -8.27 4.08 37.12
CA VAL D 38 -9.69 4.00 36.71
C VAL D 38 -10.35 5.30 37.15
N SER D 39 -11.49 5.66 36.57
CA SER D 39 -12.19 6.95 36.84
C SER D 39 -13.67 6.67 37.07
N ARG D 40 -14.19 6.97 38.26
CA ARG D 40 -15.64 6.93 38.57
C ARG D 40 -16.35 8.04 37.78
N ASP D 41 -15.81 9.26 37.83
CA ASP D 41 -16.41 10.50 37.31
C ASP D 41 -16.39 10.55 35.77
N HIS D 42 -15.36 9.99 35.11
CA HIS D 42 -15.14 10.13 33.65
C HIS D 42 -15.13 8.79 32.90
N GLY D 43 -15.12 7.66 33.61
CA GLY D 43 -14.91 6.32 33.01
C GLY D 43 -16.17 5.70 32.45
N GLN D 44 -17.32 6.39 32.51
CA GLN D 44 -18.62 5.83 32.03
C GLN D 44 -18.68 5.91 30.50
N MET D 45 -18.03 6.90 29.89
CA MET D 45 -17.90 6.99 28.41
C MET D 45 -16.74 7.93 28.05
N VAL D 46 -15.89 7.49 27.12
CA VAL D 46 -14.88 8.34 26.44
C VAL D 46 -14.98 8.09 24.94
N GLN D 47 -14.64 9.10 24.13
CA GLN D 47 -14.62 8.98 22.65
C GLN D 47 -13.36 9.67 22.12
N PHE D 48 -12.22 9.45 22.76
CA PHE D 48 -10.91 9.96 22.29
C PHE D 48 -10.76 9.54 20.81
N GLN D 49 -10.15 10.42 20.01
CA GLN D 49 -9.95 10.20 18.56
C GLN D 49 -8.50 9.78 18.28
N ASN D 50 -7.58 10.06 19.22
CA ASN D 50 -6.18 9.56 19.18
C ASN D 50 -6.06 8.38 20.17
N GLY D 51 -5.09 7.48 19.91
CA GLY D 51 -4.93 6.22 20.65
C GLY D 51 -6.03 5.23 20.32
N ARG D 52 -6.60 5.32 19.11
CA ARG D 52 -7.74 4.47 18.69
C ARG D 52 -7.25 3.48 17.63
N VAL D 53 -7.35 2.19 17.93
CA VAL D 53 -6.79 1.08 17.11
C VAL D 53 -7.52 -0.21 17.50
N THR D 54 -7.71 -1.12 16.55
CA THR D 54 -8.17 -2.51 16.83
C THR D 54 -6.96 -3.36 17.18
N LEU D 55 -7.17 -4.50 17.83
CA LEU D 55 -6.10 -5.46 18.21
C LEU D 55 -5.49 -6.10 16.95
N ASP D 56 -6.20 -6.08 15.81
CA ASP D 56 -5.68 -6.60 14.52
C ASP D 56 -5.06 -5.47 13.69
N GLY D 57 -4.88 -4.26 14.21
CA GLY D 57 -4.09 -3.20 13.53
C GLY D 57 -4.80 -2.23 12.62
N GLN D 58 -6.06 -1.95 12.87
CA GLN D 58 -6.78 -0.94 12.09
C GLN D 58 -6.83 0.38 12.86
N LEU D 59 -6.13 1.40 12.35
CA LEU D 59 -6.11 2.74 12.97
C LEU D 59 -7.47 3.40 12.81
N GLN D 60 -7.91 4.09 13.83
CA GLN D 60 -9.25 4.75 13.85
C GLN D 60 -9.06 6.21 14.25
N GLY D 61 -10.11 7.01 14.10
CA GLY D 61 -10.11 8.45 14.40
C GLY D 61 -8.99 9.16 13.67
N THR D 62 -8.15 9.91 14.40
CA THR D 62 -7.02 10.68 13.85
C THR D 62 -5.69 10.03 14.26
N THR D 63 -5.75 8.80 14.75
CA THR D 63 -4.62 8.08 15.40
C THR D 63 -3.50 7.86 14.39
N PRO D 64 -2.27 8.34 14.65
CA PRO D 64 -1.11 8.02 13.82
C PRO D 64 -0.38 6.74 14.23
N THR D 65 0.51 6.25 13.37
CA THR D 65 1.45 5.14 13.67
C THR D 65 2.48 5.64 14.68
N SER D 66 2.98 6.86 14.51
CA SER D 66 4.15 7.42 15.24
C SER D 66 3.71 8.51 16.20
N ALA D 67 4.29 8.50 17.40
CA ALA D 67 4.13 9.57 18.43
C ALA D 67 4.57 10.92 17.85
N SER D 68 5.47 10.93 16.87
CA SER D 68 6.01 12.16 16.23
C SER D 68 4.94 12.87 15.39
N GLN D 69 3.83 12.20 15.09
CA GLN D 69 2.71 12.82 14.32
C GLN D 69 1.69 13.45 15.30
N LEU D 70 1.76 13.13 16.60
CA LEU D 70 0.73 13.54 17.61
C LEU D 70 0.79 15.05 17.88
N CYS D 71 -0.38 15.68 17.93
CA CYS D 71 -0.62 17.08 18.37
C CYS D 71 0.13 18.05 17.45
N LYS D 72 0.13 17.75 16.14
CA LYS D 72 0.68 18.63 15.10
C LYS D 72 -0.40 18.91 14.06
N ILE D 73 -0.37 20.11 13.48
CA ILE D 73 -1.24 20.52 12.35
C ILE D 73 -0.33 21.11 11.28
N ARG D 74 -0.67 20.87 10.01
CA ARG D 74 0.02 21.47 8.85
C ARG D 74 -1.04 22.10 7.94
N GLY D 75 -0.72 23.26 7.38
CA GLY D 75 -1.62 23.94 6.43
C GLY D 75 -1.00 25.18 5.84
N SER D 76 -1.77 25.84 4.98
CA SER D 76 -1.40 27.08 4.25
C SER D 76 -2.20 28.24 4.83
N VAL D 77 -1.53 29.36 5.10
CA VAL D 77 -2.18 30.55 5.71
C VAL D 77 -3.20 31.12 4.71
N PHE D 78 -4.39 31.44 5.21
CA PHE D 78 -5.41 32.27 4.52
C PHE D 78 -5.68 33.50 5.38
N HIS D 79 -6.07 34.56 4.72
CA HIS D 79 -6.44 35.83 5.36
C HIS D 79 -7.86 36.11 4.86
N ALA D 80 -8.79 36.28 5.77
CA ALA D 80 -10.18 36.58 5.39
C ALA D 80 -10.75 37.57 6.40
N ASN D 81 -11.84 38.27 6.04
CA ASN D 81 -12.42 39.30 6.93
C ASN D 81 -12.87 38.61 8.21
N GLY D 82 -12.39 39.08 9.34
CA GLY D 82 -12.72 38.40 10.61
C GLY D 82 -12.18 36.98 10.64
N GLY D 83 -10.99 36.76 10.08
CA GLY D 83 -10.45 35.41 10.22
C GLY D 83 -9.06 35.36 9.64
N ASN D 84 -8.16 34.67 10.30
CA ASN D 84 -6.88 34.30 9.68
C ASN D 84 -6.76 32.85 10.12
N GLY D 85 -6.20 32.00 9.28
CA GLY D 85 -6.00 30.62 9.71
C GLY D 85 -5.32 29.74 8.70
N TYR D 86 -5.66 28.46 8.76
CA TYR D 86 -4.99 27.48 7.89
C TYR D 86 -5.91 26.58 7.09
N ASN D 87 -5.65 26.47 5.79
CA ASN D 87 -6.22 25.41 4.92
C ASN D 87 -5.39 24.15 5.20
N LEU D 88 -5.99 23.18 5.87
CA LEU D 88 -5.28 22.03 6.47
C LEU D 88 -4.89 21.03 5.38
N THR D 89 -3.74 20.40 5.56
CA THR D 89 -3.30 19.17 4.83
C THR D 89 -2.92 18.12 5.87
N GLU D 90 -2.53 16.94 5.43
CA GLU D 90 -1.84 15.95 6.29
C GLU D 90 -0.46 16.51 6.62
N LEU D 91 0.17 15.98 7.66
CA LEU D 91 1.49 16.43 8.18
C LEU D 91 2.58 16.28 7.10
N ASP D 92 2.44 15.32 6.17
CA ASP D 92 3.43 15.07 5.10
C ASP D 92 3.17 15.98 3.89
N GLY D 93 2.16 16.86 3.97
CA GLY D 93 1.84 17.84 2.91
C GLY D 93 0.78 17.33 1.95
N SER D 94 0.47 16.02 1.97
CA SER D 94 -0.53 15.40 1.07
C SER D 94 -1.95 15.86 1.47
N PRO D 95 -2.94 15.78 0.55
CA PRO D 95 -4.29 16.27 0.84
C PRO D 95 -5.00 15.51 1.97
N TYR D 96 -5.82 16.22 2.72
CA TYR D 96 -6.68 15.66 3.80
C TYR D 96 -7.93 15.04 3.17
N HIS D 97 -8.13 13.73 3.37
CA HIS D 97 -9.27 12.94 2.87
C HIS D 97 -10.25 12.68 4.03
N ALA D 98 -11.45 13.26 3.94
CA ALA D 98 -12.61 13.08 4.86
C ALA D 98 -13.03 11.60 4.98
N PHE D 99 -12.78 10.78 3.96
CA PHE D 99 -13.13 9.33 3.94
C PHE D 99 -12.18 8.53 4.85
N GLU D 100 -11.02 9.08 5.20
CA GLU D 100 -10.02 8.43 6.08
C GLU D 100 -10.36 8.72 7.56
N SER D 101 -10.74 9.95 7.91
CA SER D 101 -10.66 10.48 9.31
C SER D 101 -11.49 11.75 9.50
N PRO D 102 -11.88 12.09 10.75
CA PRO D 102 -12.64 13.32 11.03
C PRO D 102 -11.80 14.61 11.06
N ALA D 103 -10.48 14.47 10.97
CA ALA D 103 -9.50 15.57 10.80
C ALA D 103 -8.19 14.96 10.30
N PRO D 104 -7.18 15.75 9.86
CA PRO D 104 -5.89 15.20 9.48
C PRO D 104 -5.30 14.34 10.61
N ILE D 105 -4.49 13.35 10.24
CA ILE D 105 -3.90 12.38 11.21
C ILE D 105 -3.02 13.17 12.18
N GLY D 106 -3.12 12.84 13.47
CA GLY D 106 -2.30 13.45 14.55
C GLY D 106 -2.90 14.73 15.08
N PHE D 107 -4.00 15.21 14.48
CA PHE D 107 -4.72 16.42 14.94
C PHE D 107 -5.03 16.27 16.42
N PRO D 108 -4.76 17.27 17.27
CA PRO D 108 -5.01 17.15 18.71
C PRO D 108 -6.49 16.86 18.97
N ASP D 109 -6.79 16.04 19.99
CA ASP D 109 -8.18 15.74 20.39
C ASP D 109 -8.46 16.27 21.80
N LEU D 110 -7.77 17.33 22.23
CA LEU D 110 -8.05 18.03 23.51
C LEU D 110 -9.15 19.06 23.24
N GLY D 111 -10.40 18.71 23.54
CA GLY D 111 -11.58 19.56 23.23
C GLY D 111 -11.70 20.76 24.16
N GLU D 112 -12.37 21.80 23.68
CA GLU D 112 -12.90 22.95 24.48
C GLU D 112 -11.79 23.57 25.31
N CYS D 113 -10.70 23.95 24.65
CA CYS D 113 -9.58 24.71 25.25
C CYS D 113 -8.84 25.45 24.13
N ASP D 114 -8.02 26.43 24.49
CA ASP D 114 -7.11 27.16 23.57
C ASP D 114 -5.86 26.31 23.36
N TRP D 115 -5.45 26.17 22.09
CA TRP D 115 -4.21 25.47 21.68
C TRP D 115 -3.14 26.50 21.38
N HIS D 116 -2.17 26.66 22.29
CA HIS D 116 -0.96 27.50 22.09
C HIS D 116 0.07 26.65 21.35
N MET D 117 0.35 27.02 20.10
CA MET D 117 1.18 26.20 19.18
C MET D 117 2.29 27.08 18.62
N GLU D 118 3.43 26.46 18.32
CA GLU D 118 4.55 27.10 17.59
C GLU D 118 4.48 26.65 16.13
N ALA D 119 4.31 27.62 15.22
CA ALA D 119 4.21 27.41 13.77
C ALA D 119 5.51 27.88 13.11
N SER D 120 6.08 27.03 12.26
CA SER D 120 7.31 27.32 11.48
C SER D 120 7.07 27.00 10.01
N PRO D 121 7.72 27.70 9.07
CA PRO D 121 7.58 27.40 7.65
C PRO D 121 8.09 25.97 7.34
N THR D 122 7.49 25.32 6.35
CA THR D 122 7.88 23.97 5.85
C THR D 122 8.92 24.10 4.74
N THR D 123 9.35 25.33 4.43
CA THR D 123 10.50 25.61 3.53
C THR D 123 11.61 26.26 4.38
N GLN D 124 12.87 25.97 4.05
CA GLN D 124 14.06 26.44 4.79
C GLN D 124 13.95 27.95 5.02
N PHE D 125 14.38 28.40 6.20
CA PHE D 125 14.38 29.83 6.59
C PHE D 125 15.74 30.15 7.25
N ASP D 126 16.02 31.44 7.42
CA ASP D 126 17.34 31.96 7.84
C ASP D 126 17.30 32.43 9.30
N THR D 127 16.17 32.93 9.78
CA THR D 127 16.03 33.54 11.12
C THR D 127 14.73 33.08 11.79
N GLY D 128 14.63 33.27 13.11
CA GLY D 128 13.45 32.91 13.93
C GLY D 128 12.28 33.86 13.75
N ASP D 129 12.44 34.95 12.97
CA ASP D 129 11.37 35.96 12.73
C ASP D 129 10.15 35.33 12.05
N VAL D 130 10.37 34.24 11.29
CA VAL D 130 9.30 33.55 10.50
C VAL D 130 8.58 32.53 11.38
N ILE D 131 9.07 32.28 12.60
CA ILE D 131 8.42 31.38 13.58
C ILE D 131 7.38 32.18 14.37
N LYS D 132 6.14 31.68 14.41
CA LYS D 132 4.99 32.38 15.02
C LYS D 132 4.42 31.55 16.18
N GLN D 133 4.13 32.23 17.29
CA GLN D 133 3.31 31.69 18.40
C GLN D 133 1.85 31.94 18.03
N ILE D 134 1.09 30.88 17.78
CA ILE D 134 -0.33 30.97 17.35
C ILE D 134 -1.22 30.44 18.47
N ASN D 135 -2.47 30.89 18.48
CA ASN D 135 -3.52 30.41 19.41
C ASN D 135 -4.70 29.91 18.56
N VAL D 136 -5.00 28.62 18.65
CA VAL D 136 -6.18 28.01 17.97
C VAL D 136 -7.29 27.88 19.02
N LYS D 137 -8.38 28.62 18.84
CA LYS D 137 -9.60 28.56 19.69
C LYS D 137 -10.63 27.64 19.04
N GLN D 138 -11.42 26.94 19.87
CA GLN D 138 -12.51 26.04 19.41
C GLN D 138 -13.83 26.82 19.47
N GLU D 139 -14.00 27.71 18.49
CA GLU D 139 -15.20 28.58 18.32
C GLU D 139 -15.80 28.25 16.94
N ALA D 140 -16.61 29.14 16.40
CA ALA D 140 -17.47 28.90 15.21
C ALA D 140 -16.61 28.50 14.00
N ALA D 141 -15.40 29.08 13.86
CA ALA D 141 -14.54 28.91 12.68
C ALA D 141 -13.53 27.76 12.86
N PHE D 142 -13.67 26.98 13.94
CA PHE D 142 -12.91 25.71 14.15
C PHE D 142 -13.64 24.59 13.42
N ALA D 143 -13.18 24.22 12.24
CA ALA D 143 -13.86 23.26 11.34
C ALA D 143 -12.83 22.35 10.66
N PRO D 144 -12.02 21.59 11.44
CA PRO D 144 -10.98 20.73 10.87
C PRO D 144 -11.49 19.71 9.86
N HIS D 145 -12.67 19.15 10.08
CA HIS D 145 -13.29 18.15 9.18
C HIS D 145 -13.56 18.80 7.80
N LEU D 146 -13.89 20.09 7.77
CA LEU D 146 -14.15 20.87 6.52
C LEU D 146 -12.80 21.39 5.98
N GLY D 147 -11.71 21.23 6.74
CA GLY D 147 -10.33 21.50 6.28
C GLY D 147 -9.84 22.89 6.66
N THR D 148 -10.51 23.60 7.57
CA THR D 148 -10.15 24.99 7.94
C THR D 148 -10.23 25.18 9.47
N ILE D 149 -9.24 25.86 10.03
CA ILE D 149 -9.25 26.39 11.42
C ILE D 149 -8.79 27.84 11.39
N GLN D 150 -9.34 28.65 12.29
CA GLN D 150 -8.85 30.02 12.59
C GLN D 150 -7.75 29.89 13.64
N ALA D 151 -6.79 30.81 13.61
CA ALA D 151 -5.68 30.92 14.56
C ALA D 151 -5.29 32.40 14.68
N ASP D 152 -5.13 32.88 15.91
CA ASP D 152 -4.49 34.20 16.20
C ASP D 152 -2.98 34.02 15.96
N GLY D 153 -2.31 35.11 15.56
CA GLY D 153 -0.84 35.17 15.43
C GLY D 153 -0.36 35.00 14.01
N LEU D 154 -1.26 35.04 13.01
CA LEU D 154 -0.92 34.82 11.58
C LEU D 154 -1.13 36.09 10.74
N SER D 155 -1.51 37.23 11.34
CA SER D 155 -1.79 38.51 10.61
C SER D 155 -0.60 38.94 9.73
N ASP D 156 0.64 38.69 10.17
CA ASP D 156 1.87 39.17 9.50
C ASP D 156 2.50 38.07 8.63
N VAL D 157 1.81 36.93 8.46
CA VAL D 157 2.29 35.82 7.58
C VAL D 157 1.56 35.95 6.23
N SER D 158 2.32 35.98 5.14
CA SER D 158 1.82 36.06 3.75
C SER D 158 0.85 34.90 3.47
N VAL D 159 -0.23 35.20 2.76
CA VAL D 159 -1.23 34.19 2.30
C VAL D 159 -0.48 33.07 1.59
N ASN D 160 -0.93 31.83 1.82
CA ASN D 160 -0.44 30.58 1.16
C ASN D 160 0.95 30.19 1.69
N THR D 161 1.45 30.82 2.76
CA THR D 161 2.65 30.33 3.47
C THR D 161 2.31 28.96 4.08
N ASN D 162 3.04 27.93 3.70
CA ASN D 162 2.86 26.56 4.23
C ASN D 162 3.64 26.45 5.56
N MET D 163 2.98 26.01 6.62
CA MET D 163 3.54 25.95 8.00
C MET D 163 3.16 24.64 8.69
N ILE D 164 3.99 24.20 9.62
CA ILE D 164 3.71 23.10 10.60
C ILE D 164 3.64 23.75 11.98
N ALA D 165 2.55 23.48 12.70
CA ALA D 165 2.27 24.01 14.05
C ALA D 165 2.32 22.83 15.03
N LYS D 166 3.05 23.00 16.13
CA LYS D 166 3.26 21.94 17.17
C LYS D 166 2.67 22.46 18.49
N LEU D 167 1.77 21.67 19.08
CA LEU D 167 1.09 22.02 20.36
C LEU D 167 2.15 22.16 21.45
N GLY D 168 2.24 23.35 22.07
CA GLY D 168 3.12 23.61 23.21
C GLY D 168 2.39 23.40 24.52
N TRP D 169 1.26 24.08 24.69
CA TRP D 169 0.45 24.08 25.94
C TRP D 169 -1.00 24.45 25.61
N VAL D 170 -1.92 24.11 26.52
CA VAL D 170 -3.35 24.44 26.39
C VAL D 170 -3.79 25.21 27.63
N SER D 171 -4.83 26.03 27.47
CA SER D 171 -5.39 26.91 28.53
C SER D 171 -6.90 27.00 28.36
N PRO D 172 -7.65 27.48 29.37
CA PRO D 172 -9.11 27.51 29.28
C PRO D 172 -9.59 28.29 28.06
N ALA D 173 -10.72 27.88 27.48
CA ALA D 173 -11.37 28.50 26.30
C ALA D 173 -11.39 30.03 26.47
N SER D 174 -10.95 30.76 25.45
CA SER D 174 -10.91 32.24 25.43
C SER D 174 -12.29 32.84 25.71
N ASP D 175 -13.37 32.18 25.27
CA ASP D 175 -14.76 32.71 25.39
C ASP D 175 -15.29 32.53 26.83
N GLY D 176 -14.54 31.87 27.72
CA GLY D 176 -14.81 31.80 29.16
C GLY D 176 -15.93 30.83 29.52
N HIS D 177 -16.38 29.97 28.59
CA HIS D 177 -17.50 29.02 28.82
C HIS D 177 -17.07 27.89 29.75
N ARG D 178 -15.77 27.73 29.97
CA ARG D 178 -15.19 26.75 30.93
C ARG D 178 -14.12 27.45 31.77
N GLY D 179 -14.07 27.18 33.07
CA GLY D 179 -13.05 27.74 33.99
C GLY D 179 -11.73 26.99 33.92
N ASN D 180 -11.79 25.71 33.56
CA ASN D 180 -10.62 24.80 33.53
C ASN D 180 -10.51 24.13 32.15
N VAL D 181 -9.36 23.50 31.90
CA VAL D 181 -9.16 22.57 30.76
C VAL D 181 -9.53 21.17 31.22
N ASP D 182 -10.55 20.57 30.60
CA ASP D 182 -11.03 19.21 30.89
C ASP D 182 -10.44 18.28 29.83
N PRO D 183 -9.44 17.44 30.20
CA PRO D 183 -8.75 16.58 29.23
C PRO D 183 -9.52 15.31 28.86
N TRP D 184 -10.77 15.17 29.34
CA TRP D 184 -11.69 14.05 29.04
C TRP D 184 -12.58 14.41 27.84
N VAL D 185 -12.61 15.69 27.45
CA VAL D 185 -13.52 16.24 26.40
C VAL D 185 -12.78 16.25 25.05
N ILE D 186 -13.45 15.84 23.99
CA ILE D 186 -12.91 15.87 22.59
C ILE D 186 -13.45 17.11 21.88
N PRO D 187 -12.81 17.54 20.77
CA PRO D 187 -13.33 18.62 19.96
C PRO D 187 -14.66 18.25 19.26
N ARG D 188 -15.39 19.27 18.85
CA ARG D 188 -16.41 19.19 17.77
C ARG D 188 -15.66 19.47 16.46
N TYR D 189 -15.52 18.46 15.61
CA TYR D 189 -14.68 18.48 14.39
C TYR D 189 -15.37 19.25 13.25
N GLY D 190 -16.63 19.64 13.43
CA GLY D 190 -17.33 20.59 12.52
C GLY D 190 -18.12 19.86 11.47
N SER D 191 -19.12 20.52 10.87
CA SER D 191 -20.13 19.89 10.00
C SER D 191 -21.00 20.94 9.34
N THR D 192 -21.45 20.67 8.11
CA THR D 192 -22.59 21.35 7.43
C THR D 192 -23.88 20.65 7.85
N LEU D 193 -25.04 21.20 7.44
CA LEU D 193 -26.37 20.57 7.71
C LEU D 193 -26.39 19.17 7.11
N THR D 194 -25.60 18.96 6.08
CA THR D 194 -25.63 17.65 5.39
C THR D 194 -24.45 16.77 5.75
N GLU D 195 -23.26 17.35 5.94
CA GLU D 195 -22.02 16.56 6.17
C GLU D 195 -21.61 16.58 7.63
N ALA D 196 -20.89 15.56 8.09
CA ALA D 196 -20.50 15.42 9.51
C ALA D 196 -19.32 14.45 9.61
N ALA D 197 -18.55 14.57 10.68
CA ALA D 197 -17.35 13.72 10.83
C ALA D 197 -17.68 12.32 11.34
N GLN D 198 -17.08 11.30 10.73
CA GLN D 198 -17.18 9.90 11.25
C GLN D 198 -16.08 9.66 12.30
N LEU D 199 -16.47 9.65 13.57
CA LEU D 199 -15.55 9.60 14.74
C LEU D 199 -15.26 8.13 15.05
N ALA D 200 -14.10 7.81 15.63
CA ALA D 200 -13.88 6.56 16.37
C ALA D 200 -15.00 6.46 17.40
N PRO D 201 -15.68 5.29 17.53
CA PRO D 201 -16.89 5.21 18.33
C PRO D 201 -16.68 5.38 19.83
N PRO D 202 -17.76 5.66 20.61
CA PRO D 202 -17.65 5.75 22.06
C PRO D 202 -17.14 4.43 22.66
N ILE D 203 -16.39 4.53 23.77
CA ILE D 203 -15.92 3.38 24.58
C ILE D 203 -16.70 3.37 25.89
N TYR D 204 -17.31 2.24 26.22
CA TYR D 204 -18.08 2.03 27.46
C TYR D 204 -17.41 0.96 28.31
N PRO D 205 -17.48 1.05 29.65
CA PRO D 205 -17.14 -0.07 30.51
C PRO D 205 -18.12 -1.20 30.20
N PRO D 206 -17.65 -2.48 30.04
CA PRO D 206 -18.53 -3.56 29.58
C PRO D 206 -19.42 -4.36 30.55
N GLY D 207 -19.37 -4.10 31.86
CA GLY D 207 -20.12 -4.87 32.85
C GLY D 207 -19.22 -5.68 33.74
N PHE D 208 -19.78 -6.52 34.62
CA PHE D 208 -19.01 -7.48 35.48
C PHE D 208 -17.97 -6.80 36.37
N GLY D 209 -18.29 -5.59 36.80
CA GLY D 209 -17.41 -4.83 37.70
C GLY D 209 -16.18 -4.23 37.01
N GLU D 210 -16.14 -4.28 35.67
CA GLU D 210 -14.94 -3.83 34.89
C GLU D 210 -14.97 -2.31 34.74
N ALA D 211 -13.81 -1.66 34.92
CA ALA D 211 -13.59 -0.23 34.69
C ALA D 211 -12.49 -0.06 33.64
N ILE D 212 -12.63 0.94 32.77
CA ILE D 212 -11.64 1.26 31.72
C ILE D 212 -10.34 1.72 32.40
N VAL D 213 -9.20 1.19 31.95
CA VAL D 213 -7.85 1.61 32.41
C VAL D 213 -7.40 2.79 31.56
N PHE D 214 -7.06 3.90 32.21
CA PHE D 214 -6.51 5.12 31.57
C PHE D 214 -5.02 5.20 31.92
N PHE D 215 -4.21 5.44 30.89
CA PHE D 215 -2.75 5.68 30.99
C PHE D 215 -2.56 7.20 31.03
N MET D 216 -2.04 7.70 32.16
CA MET D 216 -1.98 9.15 32.46
C MET D 216 -0.56 9.66 32.15
N SER D 217 -0.49 10.81 31.46
CA SER D 217 0.77 11.54 31.18
C SER D 217 0.59 13.01 31.56
N ASP D 218 1.67 13.68 31.94
CA ASP D 218 1.68 15.13 32.15
C ASP D 218 1.88 15.84 30.81
N PHE D 219 1.14 16.91 30.60
CA PHE D 219 1.24 17.83 29.45
C PHE D 219 1.12 19.24 29.99
N PRO D 220 1.82 20.25 29.38
CA PRO D 220 1.68 21.67 29.80
C PRO D 220 0.17 21.93 29.68
N ILE D 221 -0.43 22.34 30.79
CA ILE D 221 -1.89 22.63 30.82
C ILE D 221 -2.10 23.75 31.85
N ALA D 222 -2.53 24.92 31.42
CA ALA D 222 -2.90 25.97 32.38
C ALA D 222 -4.31 25.71 32.92
N HIS D 223 -4.45 25.70 34.23
CA HIS D 223 -5.78 25.57 34.88
C HIS D 223 -6.44 24.25 34.48
N GLY D 224 -5.70 23.16 34.56
CA GLY D 224 -6.23 21.82 34.25
C GLY D 224 -7.13 21.27 35.32
N ALA D 225 -8.23 20.63 34.93
CA ALA D 225 -9.19 20.00 35.85
C ALA D 225 -8.46 18.96 36.70
N ASN D 226 -7.50 18.25 36.12
CA ASN D 226 -6.65 17.27 36.85
C ASN D 226 -5.19 17.73 36.76
N GLY D 227 -4.95 19.03 36.89
CA GLY D 227 -3.62 19.64 36.71
C GLY D 227 -3.05 19.32 35.35
N LEU D 228 -1.89 18.66 35.30
CA LEU D 228 -1.14 18.39 34.04
C LEU D 228 -1.61 17.07 33.39
N SER D 229 -2.44 16.27 34.08
CA SER D 229 -2.67 14.85 33.71
C SER D 229 -3.67 14.75 32.57
N VAL D 230 -3.32 13.95 31.55
CA VAL D 230 -4.12 13.67 30.35
C VAL D 230 -4.29 12.15 30.25
N PRO D 231 -5.52 11.63 30.23
CA PRO D 231 -5.75 10.20 30.03
C PRO D 231 -5.72 9.79 28.55
N CYS D 232 -5.30 8.55 28.29
CA CYS D 232 -5.50 7.85 27.00
C CYS D 232 -5.86 6.41 27.31
N THR D 233 -6.35 5.67 26.31
CA THR D 233 -6.88 4.31 26.51
C THR D 233 -5.82 3.24 26.21
N ILE D 234 -4.70 3.61 25.59
CA ILE D 234 -3.62 2.63 25.22
C ILE D 234 -2.32 3.38 24.94
N PRO D 235 -1.13 2.88 25.35
CA PRO D 235 0.13 3.52 25.03
C PRO D 235 0.36 3.58 23.51
N GLN D 236 1.01 4.63 23.02
CA GLN D 236 1.25 4.83 21.57
C GLN D 236 1.99 3.62 21.00
N GLU D 237 2.94 3.08 21.75
CA GLU D 237 3.81 1.97 21.26
C GLU D 237 2.96 0.70 21.13
N PHE D 238 1.86 0.58 21.88
CA PHE D 238 0.86 -0.52 21.72
C PHE D 238 0.16 -0.35 20.38
N VAL D 239 -0.25 0.88 20.05
CA VAL D 239 -0.89 1.20 18.74
C VAL D 239 0.02 0.67 17.62
N THR D 240 1.28 1.10 17.63
CA THR D 240 2.28 0.78 16.57
C THR D 240 2.44 -0.74 16.48
N HIS D 241 2.52 -1.41 17.63
CA HIS D 241 2.71 -2.87 17.74
C HIS D 241 1.57 -3.59 17.03
N PHE D 242 0.31 -3.19 17.27
CA PHE D 242 -0.88 -3.84 16.66
C PHE D 242 -0.87 -3.61 15.14
N VAL D 243 -0.57 -2.39 14.71
CA VAL D 243 -0.50 -2.04 13.26
C VAL D 243 0.60 -2.90 12.61
N ASN D 244 1.74 -3.06 13.29
CA ASN D 244 2.89 -3.86 12.78
C ASN D 244 2.50 -5.33 12.66
N GLU D 245 1.92 -5.92 13.71
CA GLU D 245 1.71 -7.39 13.84
C GLU D 245 0.54 -7.84 12.96
N GLN D 246 -0.56 -7.06 12.91
CA GLN D 246 -1.82 -7.44 12.21
C GLN D 246 -2.23 -8.85 12.64
N ALA D 247 -2.16 -9.16 13.94
CA ALA D 247 -2.52 -10.48 14.50
C ALA D 247 -4.04 -10.61 14.47
N PRO D 248 -4.58 -11.68 13.83
CA PRO D 248 -6.02 -11.93 13.85
C PRO D 248 -6.55 -11.99 15.29
N THR D 249 -7.69 -11.36 15.53
CA THR D 249 -8.43 -11.42 16.82
C THR D 249 -9.18 -12.75 16.88
N ARG D 250 -8.86 -13.61 17.85
CA ARG D 250 -9.33 -15.02 17.91
C ARG D 250 -10.20 -15.25 19.15
N GLY D 251 -10.70 -14.17 19.78
CA GLY D 251 -11.58 -14.25 20.95
C GLY D 251 -12.19 -12.89 21.25
N GLU D 252 -13.08 -12.84 22.23
CA GLU D 252 -13.87 -11.63 22.55
C GLU D 252 -13.02 -10.67 23.38
N ALA D 253 -11.96 -11.13 24.03
CA ALA D 253 -11.04 -10.30 24.84
C ALA D 253 -9.71 -11.02 25.03
N ALA D 254 -8.62 -10.27 25.08
CA ALA D 254 -7.26 -10.75 25.37
C ALA D 254 -6.99 -10.58 26.86
N LEU D 255 -6.87 -11.68 27.60
CA LEU D 255 -6.44 -11.69 29.02
C LEU D 255 -4.96 -11.31 29.06
N LEU D 256 -4.62 -10.27 29.84
CA LEU D 256 -3.21 -9.85 30.07
C LEU D 256 -2.89 -10.03 31.54
N HIS D 257 -1.63 -10.35 31.84
CA HIS D 257 -1.01 -10.12 33.16
C HIS D 257 -0.14 -8.87 33.06
N TYR D 258 -0.17 -8.06 34.11
CA TYR D 258 0.84 -7.00 34.38
C TYR D 258 1.89 -7.60 35.30
N LEU D 259 3.11 -7.75 34.80
CA LEU D 259 4.23 -8.42 35.50
C LEU D 259 5.16 -7.39 36.13
N ASP D 260 5.66 -7.75 37.32
CA ASP D 260 6.82 -7.10 37.99
C ASP D 260 8.06 -7.26 37.10
N PRO D 261 8.82 -6.19 36.82
CA PRO D 261 9.91 -6.27 35.83
C PRO D 261 11.11 -7.12 36.29
N ASP D 262 11.26 -7.32 37.61
CA ASP D 262 12.43 -7.99 38.21
C ASP D 262 12.13 -9.49 38.34
N THR D 263 10.94 -9.84 38.82
CA THR D 263 10.60 -11.24 39.22
C THR D 263 9.69 -11.87 38.16
N HIS D 264 8.96 -11.06 37.39
CA HIS D 264 7.88 -11.50 36.48
C HIS D 264 6.73 -12.16 37.26
N ARG D 265 6.52 -11.79 38.52
CA ARG D 265 5.29 -12.16 39.28
C ARG D 265 4.14 -11.37 38.65
N ASN D 266 2.96 -12.02 38.58
CA ASN D 266 1.68 -11.44 38.14
C ASN D 266 1.17 -10.49 39.21
N LEU D 267 1.07 -9.18 38.89
CA LEU D 267 0.60 -8.13 39.83
C LEU D 267 -0.89 -7.84 39.61
N GLY D 268 -1.49 -8.35 38.53
CA GLY D 268 -2.94 -8.16 38.28
C GLY D 268 -3.33 -8.62 36.89
N GLU D 269 -4.61 -8.97 36.71
CA GLU D 269 -5.13 -9.41 35.39
C GLU D 269 -5.98 -8.29 34.79
N PHE D 270 -5.89 -8.16 33.47
CA PHE D 270 -6.56 -7.12 32.65
C PHE D 270 -7.19 -7.80 31.44
N LYS D 271 -8.24 -7.19 30.90
CA LYS D 271 -8.84 -7.61 29.60
C LYS D 271 -8.68 -6.47 28.60
N LEU D 272 -8.06 -6.80 27.47
CA LEU D 272 -7.87 -5.91 26.31
C LEU D 272 -8.88 -6.34 25.24
N TYR D 273 -9.81 -5.45 24.88
CA TYR D 273 -10.95 -5.73 23.98
C TYR D 273 -10.54 -5.48 22.53
N PRO D 274 -11.19 -6.14 21.54
CA PRO D 274 -10.89 -5.91 20.13
C PRO D 274 -10.86 -4.44 19.73
N GLU D 275 -11.65 -3.60 20.40
CA GLU D 275 -11.82 -2.16 20.12
C GLU D 275 -10.59 -1.37 20.61
N GLY D 276 -9.64 -2.01 21.29
CA GLY D 276 -8.30 -1.47 21.59
C GLY D 276 -8.22 -0.77 22.93
N PHE D 277 -9.23 -0.93 23.80
CA PHE D 277 -9.21 -0.41 25.18
C PHE D 277 -9.06 -1.59 26.16
N MET D 278 -8.58 -1.26 27.35
CA MET D 278 -8.23 -2.23 28.42
C MET D 278 -9.12 -1.98 29.64
N THR D 279 -9.49 -3.04 30.35
CA THR D 279 -10.24 -2.96 31.62
C THR D 279 -9.53 -3.77 32.70
N CYS D 280 -9.84 -3.45 33.95
CA CYS D 280 -9.57 -4.30 35.15
C CYS D 280 -10.84 -4.29 36.02
N VAL D 281 -10.86 -5.13 37.05
CA VAL D 281 -11.87 -5.02 38.15
C VAL D 281 -11.14 -4.37 39.33
N PRO D 282 -11.46 -3.09 39.67
CA PRO D 282 -10.92 -2.46 40.89
C PRO D 282 -11.41 -3.14 42.18
N ASN D 283 -10.57 -3.12 43.20
CA ASN D 283 -10.91 -3.74 44.50
C ASN D 283 -11.72 -2.77 45.37
N SER D 284 -13.03 -3.02 45.50
CA SER D 284 -13.88 -2.28 46.47
C SER D 284 -13.46 -0.81 46.62
N GLY D 286 -11.15 1.21 45.67
CA GLY D 286 -11.34 1.92 44.41
C GLY D 286 -10.16 2.20 43.52
N THR D 287 -8.97 2.47 44.04
CA THR D 287 -7.86 2.97 43.18
C THR D 287 -7.51 1.97 42.08
N GLY D 288 -7.62 0.69 42.34
CA GLY D 288 -7.31 -0.36 41.38
C GLY D 288 -5.87 -0.32 40.86
N PRO D 289 -5.59 -0.08 39.54
CA PRO D 289 -4.21 -0.21 39.05
C PRO D 289 -3.28 0.95 39.44
N GLN D 290 -3.82 1.98 40.10
CA GLN D 290 -3.08 3.22 40.47
C GLN D 290 -1.92 2.91 41.43
N THR D 291 -2.05 1.89 42.30
CA THR D 291 -1.03 1.54 43.31
C THR D 291 0.03 0.60 42.71
N LEU D 292 -0.21 0.04 41.52
CA LEU D 292 0.76 -0.86 40.86
C LEU D 292 1.98 -0.04 40.45
N PRO D 293 3.18 -0.64 40.42
CA PRO D 293 4.37 0.07 39.94
C PRO D 293 4.23 0.33 38.44
N ILE D 294 4.82 1.42 37.95
CA ILE D 294 4.61 1.91 36.56
C ILE D 294 5.72 1.38 35.64
N ASN D 295 6.66 0.59 36.17
CA ASN D 295 7.78 0.01 35.39
C ASN D 295 7.54 -1.47 35.12
N GLY D 296 6.30 -1.94 35.29
CA GLY D 296 5.88 -3.32 34.97
C GLY D 296 5.66 -3.49 33.47
N VAL D 297 5.43 -4.73 33.02
CA VAL D 297 5.17 -5.04 31.59
C VAL D 297 3.88 -5.85 31.48
N PHE D 298 3.06 -5.55 30.47
CA PHE D 298 1.91 -6.39 30.09
C PHE D 298 2.42 -7.57 29.26
N VAL D 299 1.81 -8.73 29.44
CA VAL D 299 2.04 -9.95 28.61
C VAL D 299 0.67 -10.56 28.29
N PHE D 300 0.45 -10.95 27.04
CA PHE D 300 -0.74 -11.70 26.60
C PHE D 300 -0.71 -13.09 27.26
N VAL D 301 -1.83 -13.50 27.86
CA VAL D 301 -2.00 -14.85 28.48
C VAL D 301 -2.75 -15.74 27.49
N SER D 302 -3.98 -15.37 27.14
CA SER D 302 -4.87 -16.17 26.27
C SER D 302 -6.10 -15.35 25.87
N TRP D 303 -6.80 -15.83 24.84
CA TRP D 303 -8.13 -15.32 24.42
C TRP D 303 -9.19 -15.85 25.39
N VAL D 304 -10.07 -14.98 25.87
CA VAL D 304 -11.17 -15.32 26.81
C VAL D 304 -12.47 -14.73 26.28
N SER D 305 -13.60 -15.21 26.79
CA SER D 305 -14.97 -14.71 26.46
C SER D 305 -15.16 -13.33 27.07
N ARG D 306 -16.13 -12.57 26.55
CA ARG D 306 -16.46 -11.21 27.09
C ARG D 306 -16.87 -11.31 28.56
N PHE D 307 -17.41 -12.45 29.01
CA PHE D 307 -17.98 -12.60 30.37
C PHE D 307 -16.93 -13.14 31.36
N TYR D 308 -15.71 -13.46 30.90
CA TYR D 308 -14.59 -13.92 31.78
C TYR D 308 -14.44 -12.90 32.92
N GLN D 309 -14.60 -13.36 34.16
CA GLN D 309 -14.60 -12.53 35.40
C GLN D 309 -13.14 -12.40 35.87
N LEU D 310 -12.62 -11.16 35.94
CA LEU D 310 -11.24 -10.87 36.38
C LEU D 310 -11.16 -10.89 37.91
N LYS D 311 -10.03 -11.32 38.47
CA LYS D 311 -9.67 -11.08 39.89
C LYS D 311 -9.48 -9.58 40.09
N PRO D 312 -10.11 -8.95 41.11
CA PRO D 312 -9.82 -7.58 41.50
C PRO D 312 -8.33 -7.24 41.59
N VAL D 313 -7.99 -6.01 41.26
CA VAL D 313 -6.59 -5.47 41.29
C VAL D 313 -6.57 -4.27 42.24
N GLY D 314 -5.53 -4.15 43.08
CA GLY D 314 -5.36 -3.02 44.02
C GLY D 314 -5.74 -3.38 45.45
#